data_6I6R
#
_entry.id   6I6R
#
_cell.length_a   206.860
_cell.length_b   69.890
_cell.length_c   93.690
_cell.angle_alpha   90.00
_cell.angle_beta   90.00
_cell.angle_gamma   90.00
#
_symmetry.space_group_name_H-M   'P 21 21 21'
#
loop_
_entity.id
_entity.type
_entity.pdbx_description
1 polymer Alpha-L-iduronidase
2 branched beta-D-mannopyranose-(1-4)-2-acetamido-2-deoxy-beta-D-glucopyranose-(1-4)-2-acetamido-2-deoxy-beta-D-glucopyranose
3 non-polymer '(1~{R},2~{R},3~{R},4~{S},6~{S})-6-azanyl-2,3,4-tris(oxidanyl)cyclohexane-1-carboxylic acid'
4 non-polymer 2-acetamido-2-deoxy-beta-D-glucopyranose
5 non-polymer GLYCEROL
6 non-polymer 'L(+)-TARTARIC ACID'
7 non-polymer 'CHLORIDE ION'
8 water water
#
_entity_poly.entity_id   1
_entity_poly.type   'polypeptide(L)'
_entity_poly.pdbx_seq_one_letter_code
;EAPHLVQVDAARALWPLRRFWRSTGFCPPLPHSQADPYVLSWDQQLNLAYVGAVPHRGIKQVRTHWLLELVTTRGSTGQG
LSYNFTHLDGYLDLLRENQLLPGFELMGSASGHFTDFEDKQQVFEWKDLVSSLARRYIGRYGLAHVSKWNFETWNEPDHH
DFDNVSMTMQGFLNYYDACSEGLRAASPALRLGGPGDSFHTPPRSPLSWGLLRHCHDGTNFFTGEAGVRLDYISLHRKGA
RSSISILEQEKVVAQQIRQLFPKFADTPIYNDEADPLVGWSLPQPWRADVTYAAMVVKVIAQHQNLLLANTTSAFPYALL
SNDNAFLSYHPHPFAQRTLTARFQVNNTRPPHVQLLRKPVLTAMGLLALLDEEQLWAEVSQAGTVLDSNHTVGVLASAHR
PQGPADAWRAAVLIYASDDTRAHPNRSVAVTLRLRGVPPGPGLVYVTRYLDNGLCSPDGEWRRLGRPVFPTAEQFRRMRA
AEDPVAAAPRPLPAGGRLTLRPALRLPSLLLVHVCARPEKPPGQVTRLRALPLTQGQLVLVWSDEHVGSKCLWTYEIQFS
QDGKAYTPVSRKPSTFNLFVFSPDTGAVSGSYRVRALDYWARPGPFSDPVPYLEVPVPRGPPSPGNP
;
_entity_poly.pdbx_strand_id   A,B
#
# COMPACT_ATOMS: atom_id res chain seq x y z
N GLU A 1 41.00 24.85 -7.83
CA GLU A 1 42.09 24.20 -7.06
C GLU A 1 42.94 23.31 -7.97
N ALA A 2 44.15 22.99 -7.47
CA ALA A 2 45.04 22.01 -8.11
C ALA A 2 44.46 20.61 -7.95
N PRO A 3 45.01 19.62 -8.68
CA PRO A 3 44.39 18.28 -8.66
C PRO A 3 44.44 17.62 -7.28
N HIS A 4 43.36 16.91 -6.92
CA HIS A 4 43.27 16.26 -5.64
C HIS A 4 43.14 14.76 -5.83
N LEU A 5 43.97 14.03 -5.10
CA LEU A 5 43.84 12.57 -5.05
C LEU A 5 43.01 12.22 -3.81
N VAL A 6 41.98 11.38 -4.02
CA VAL A 6 41.11 10.89 -2.96
C VAL A 6 41.18 9.37 -2.99
N GLN A 7 41.80 8.79 -1.97
CA GLN A 7 41.95 7.35 -1.87
C GLN A 7 40.95 6.81 -0.85
N VAL A 8 40.31 5.70 -1.18
CA VAL A 8 39.36 5.07 -0.26
C VAL A 8 39.67 3.58 -0.23
N ASP A 9 39.82 3.03 0.96
CA ASP A 9 40.14 1.62 1.14
C ASP A 9 38.97 0.90 1.80
N ALA A 10 38.18 0.23 0.96
CA ALA A 10 37.00 -0.50 1.42
C ALA A 10 37.34 -1.77 2.23
N ALA A 11 38.60 -2.17 2.27
CA ALA A 11 39.00 -3.30 3.12
C ALA A 11 39.36 -2.83 4.53
N ARG A 12 39.29 -1.52 4.77
CA ARG A 12 39.78 -0.94 6.01
C ARG A 12 38.71 -0.08 6.70
N ALA A 13 37.78 -0.77 7.35
CA ALA A 13 36.78 -0.13 8.19
C ALA A 13 37.37 0.20 9.55
N LEU A 14 37.32 1.48 9.91
CA LEU A 14 38.05 2.00 11.06
C LEU A 14 37.25 2.01 12.37
N TRP A 15 36.00 2.50 12.29
CA TRP A 15 35.16 2.70 13.47
C TRP A 15 33.74 3.05 13.00
N PRO A 16 32.77 3.11 13.93
CA PRO A 16 31.42 3.48 13.50
C PRO A 16 31.32 4.88 12.93
N LEU A 17 30.33 5.08 12.07
CA LEU A 17 29.94 6.39 11.61
C LEU A 17 28.49 6.57 12.02
N ARG A 18 28.26 7.35 13.06
CA ARG A 18 26.92 7.68 13.54
C ARG A 18 26.33 8.80 12.72
N ARG A 19 25.04 8.68 12.44
CA ARG A 19 24.32 9.67 11.64
C ARG A 19 23.80 10.76 12.60
N PHE A 20 24.72 11.62 13.04
CA PHE A 20 24.50 12.56 14.13
C PHE A 20 23.86 13.88 13.69
N TRP A 21 23.60 14.02 12.40
CA TRP A 21 23.22 15.30 11.79
C TRP A 21 21.75 15.36 11.39
N ARG A 22 20.96 14.37 11.81
CA ARG A 22 19.63 14.17 11.21
C ARG A 22 18.55 14.99 11.95
N SER A 23 18.74 16.31 11.96
CA SER A 23 17.89 17.21 12.70
C SER A 23 17.75 18.53 11.96
N THR A 24 16.58 19.13 12.09
CA THR A 24 16.33 20.49 11.64
C THR A 24 15.47 21.16 12.72
N GLY A 25 15.10 22.41 12.48
CA GLY A 25 14.21 23.10 13.42
C GLY A 25 13.74 24.43 12.89
N PHE A 26 12.79 25.05 13.60
CA PHE A 26 12.25 26.35 13.26
C PHE A 26 11.43 26.96 14.39
N CYS A 27 11.11 28.23 14.21
CA CYS A 27 10.33 29.02 15.15
C CYS A 27 9.11 29.54 14.40
N PRO A 28 7.90 29.24 14.89
CA PRO A 28 6.73 29.87 14.27
C PRO A 28 6.71 31.38 14.58
N PRO A 29 6.25 32.21 13.62
CA PRO A 29 6.21 33.67 13.81
C PRO A 29 5.08 34.14 14.75
N LEU A 30 5.20 35.36 15.28
CA LEU A 30 4.27 35.88 16.28
C LEU A 30 3.19 36.77 15.67
N TYR A 38 -0.06 28.71 12.90
CA TYR A 38 0.99 28.60 11.88
C TYR A 38 1.45 27.15 11.67
N VAL A 39 1.76 26.44 12.75
CA VAL A 39 2.30 25.08 12.65
C VAL A 39 1.30 24.05 12.09
N LEU A 40 0.02 24.39 12.06
CA LEU A 40 -1.04 23.55 11.46
C LEU A 40 -1.50 24.02 10.07
N SER A 41 -0.92 25.11 9.57
CA SER A 41 -1.28 25.63 8.25
C SER A 41 -0.93 24.62 7.14
N TRP A 42 -1.55 24.80 5.99
CA TRP A 42 -1.27 23.96 4.83
C TRP A 42 0.21 24.07 4.43
N ASP A 43 0.75 25.28 4.56
CA ASP A 43 2.14 25.57 4.24
C ASP A 43 3.06 24.63 5.03
N GLN A 44 2.80 24.56 6.33
CA GLN A 44 3.59 23.72 7.24
C GLN A 44 3.37 22.24 6.98
N GLN A 45 2.16 21.87 6.60
CA GLN A 45 1.85 20.48 6.25
C GLN A 45 2.67 20.05 5.03
N LEU A 46 2.75 20.92 4.04
CA LEU A 46 3.57 20.63 2.86
C LEU A 46 5.07 20.59 3.25
N ASN A 47 5.50 21.55 4.06
CA ASN A 47 6.89 21.64 4.48
C ASN A 47 7.37 20.34 5.15
N LEU A 48 6.64 19.86 6.14
CA LEU A 48 7.05 18.66 6.86
C LEU A 48 6.93 17.39 6.00
N ALA A 49 6.10 17.42 4.96
CA ALA A 49 6.08 16.34 3.99
C ALA A 49 7.41 16.29 3.24
N TYR A 50 7.93 17.45 2.86
CA TYR A 50 9.25 17.55 2.23
C TYR A 50 10.35 17.09 3.21
N VAL A 51 10.29 17.54 4.45
CA VAL A 51 11.27 17.16 5.46
C VAL A 51 11.30 15.64 5.71
N GLY A 52 10.12 15.02 5.81
CA GLY A 52 10.03 13.60 6.05
C GLY A 52 10.30 12.74 4.83
N ALA A 53 10.32 13.35 3.65
CA ALA A 53 10.59 12.63 2.40
C ALA A 53 12.10 12.39 2.11
N VAL A 54 12.99 12.95 2.92
CA VAL A 54 14.42 12.62 2.79
C VAL A 54 14.54 11.11 3.02
N PRO A 55 15.14 10.38 2.06
CA PRO A 55 15.16 8.94 2.20
C PRO A 55 15.94 8.42 3.39
N HIS A 56 15.59 7.21 3.80
CA HIS A 56 16.27 6.47 4.86
C HIS A 56 16.34 7.23 6.19
N ARG A 57 15.26 7.94 6.53
CA ARG A 57 15.15 8.76 7.74
C ARG A 57 16.31 9.75 7.86
N GLY A 58 16.68 10.35 6.73
CA GLY A 58 17.79 11.28 6.66
C GLY A 58 17.59 12.54 7.50
N ILE A 59 16.33 12.88 7.80
CA ILE A 59 16.04 13.86 8.86
C ILE A 59 15.03 13.21 9.81
N LYS A 60 15.32 13.30 11.11
CA LYS A 60 14.60 12.53 12.14
C LYS A 60 13.86 13.46 13.12
N GLN A 61 14.49 14.56 13.49
CA GLN A 61 14.00 15.50 14.51
C GLN A 61 13.67 16.88 13.92
N VAL A 62 12.56 17.47 14.36
CA VAL A 62 12.23 18.88 14.07
C VAL A 62 12.14 19.66 15.39
N ARG A 63 13.18 20.40 15.70
CA ARG A 63 13.25 21.17 16.91
C ARG A 63 12.35 22.39 16.76
N THR A 64 11.24 22.38 17.49
CA THR A 64 10.15 23.34 17.28
C THR A 64 9.95 24.27 18.50
N HIS A 65 10.10 25.58 18.28
CA HIS A 65 9.82 26.60 19.32
C HIS A 65 8.31 26.72 19.58
N TRP A 66 7.97 27.20 20.77
CA TRP A 66 6.61 27.61 21.14
C TRP A 66 5.56 26.48 21.14
N LEU A 67 5.98 25.25 21.41
CA LEU A 67 5.03 24.13 21.49
C LEU A 67 3.98 24.35 22.58
N LEU A 68 4.38 24.97 23.68
CA LEU A 68 3.44 25.17 24.79
C LEU A 68 2.62 26.47 24.66
N GLU A 69 2.65 27.09 23.49
CA GLU A 69 1.63 28.06 23.08
C GLU A 69 0.52 27.37 22.31
N LEU A 70 0.63 26.05 22.09
CA LEU A 70 -0.42 25.28 21.45
C LEU A 70 -1.33 24.59 22.49
N VAL A 71 -1.11 24.92 23.76
CA VAL A 71 -1.92 24.42 24.86
C VAL A 71 -2.65 25.61 25.50
N THR A 72 -3.93 25.45 25.80
CA THR A 72 -4.67 26.46 26.61
C THR A 72 -5.08 25.84 27.93
N THR A 73 -5.42 26.68 28.91
CA THR A 73 -5.80 26.23 30.26
C THR A 73 -7.18 26.72 30.68
N ARG A 74 -7.75 26.04 31.67
CA ARG A 74 -9.02 26.41 32.29
C ARG A 74 -8.90 26.13 33.80
N GLY A 75 -9.72 26.82 34.59
CA GLY A 75 -9.78 26.58 36.04
C GLY A 75 -10.41 27.74 36.79
N LEU A 81 -6.53 22.73 37.69
CA LEU A 81 -6.15 23.19 36.35
C LEU A 81 -6.40 22.13 35.28
N SER A 82 -7.10 22.52 34.22
CA SER A 82 -7.30 21.66 33.05
C SER A 82 -6.57 22.22 31.85
N TYR A 83 -6.24 21.36 30.90
CA TYR A 83 -5.50 21.75 29.70
C TYR A 83 -6.21 21.26 28.45
N ASN A 84 -6.29 22.14 27.46
CA ASN A 84 -6.76 21.78 26.12
C ASN A 84 -5.51 21.57 25.26
N PHE A 85 -5.30 20.34 24.81
CA PHE A 85 -4.13 19.95 24.05
C PHE A 85 -4.42 19.86 22.55
N THR A 86 -5.60 20.32 22.13
CA THR A 86 -6.06 20.12 20.75
C THR A 86 -5.02 20.53 19.71
N HIS A 87 -4.48 21.74 19.82
CA HIS A 87 -3.55 22.22 18.82
C HIS A 87 -2.22 21.43 18.85
N LEU A 88 -1.73 21.13 20.06
CA LEU A 88 -0.51 20.36 20.22
C LEU A 88 -0.66 18.94 19.65
N ASP A 89 -1.79 18.31 19.91
CA ASP A 89 -2.14 17.02 19.31
C ASP A 89 -1.99 17.09 17.77
N GLY A 90 -2.54 18.14 17.18
CA GLY A 90 -2.50 18.35 15.74
C GLY A 90 -1.07 18.45 15.21
N TYR A 91 -0.20 19.18 15.91
CA TYR A 91 1.16 19.34 15.44
C TYR A 91 1.96 18.04 15.60
N LEU A 92 1.84 17.39 16.75
CA LEU A 92 2.63 16.17 17.01
C LEU A 92 2.17 15.04 16.12
N ASP A 93 0.87 15.00 15.83
CA ASP A 93 0.33 14.01 14.88
C ASP A 93 0.89 14.24 13.49
N LEU A 94 1.05 15.50 13.11
CA LEU A 94 1.63 15.84 11.81
C LEU A 94 3.10 15.41 11.70
N LEU A 95 3.89 15.63 12.76
CA LEU A 95 5.27 15.07 12.76
C LEU A 95 5.22 13.55 12.62
N ARG A 96 4.35 12.91 13.41
CA ARG A 96 4.26 11.46 13.44
C ARG A 96 3.90 10.88 12.06
N GLU A 97 2.95 11.51 11.38
CA GLU A 97 2.54 11.13 10.04
C GLU A 97 3.72 11.17 9.05
N ASN A 98 4.67 12.08 9.28
CA ASN A 98 5.83 12.22 8.44
C ASN A 98 7.08 11.46 8.93
N GLN A 99 6.90 10.59 9.92
CA GLN A 99 8.01 9.81 10.54
C GLN A 99 9.09 10.68 11.21
N LEU A 100 8.66 11.79 11.79
CA LEU A 100 9.53 12.76 12.43
C LEU A 100 9.23 12.78 13.93
N LEU A 101 10.22 13.20 14.71
CA LEU A 101 10.10 13.37 16.16
C LEU A 101 10.21 14.86 16.50
N PRO A 102 9.45 15.32 17.51
CA PRO A 102 9.65 16.69 17.94
C PRO A 102 10.96 16.83 18.71
N GLY A 103 11.69 17.90 18.44
CA GLY A 103 12.69 18.40 19.38
C GLY A 103 11.85 19.23 20.33
N PHE A 104 11.45 18.62 21.45
CA PHE A 104 10.36 19.15 22.26
C PHE A 104 10.87 20.16 23.27
N GLU A 105 11.02 21.41 22.84
CA GLU A 105 11.33 22.49 23.77
C GLU A 105 10.10 22.79 24.65
N LEU A 106 10.32 22.76 25.96
CA LEU A 106 9.22 23.03 26.90
C LEU A 106 9.08 24.55 27.05
N MET A 107 8.48 25.15 26.03
CA MET A 107 8.59 26.59 25.75
C MET A 107 7.25 27.17 25.39
N GLY A 108 6.75 28.08 26.21
CA GLY A 108 5.43 28.68 26.01
C GLY A 108 4.81 29.01 27.35
N SER A 109 3.78 29.85 27.33
CA SER A 109 3.09 30.29 28.54
C SER A 109 1.73 29.62 28.73
N ALA A 110 1.41 28.68 27.83
CA ALA A 110 0.10 28.05 27.80
C ALA A 110 -0.97 29.11 27.55
N SER A 111 -0.71 29.97 26.57
CA SER A 111 -1.60 31.06 26.17
C SER A 111 -1.86 32.05 27.30
N GLY A 112 -0.80 32.51 27.94
CA GLY A 112 -0.89 33.55 28.97
C GLY A 112 -1.02 33.10 30.42
N HIS A 113 -1.15 31.79 30.67
CA HIS A 113 -1.34 31.34 32.05
C HIS A 113 -0.10 31.56 32.91
N PHE A 114 1.06 31.15 32.40
CA PHE A 114 2.29 31.21 33.17
C PHE A 114 2.98 32.55 32.91
N THR A 115 3.35 33.22 34.00
CA THR A 115 3.94 34.55 33.95
C THR A 115 5.16 34.75 34.87
N ASP A 116 5.39 33.84 35.81
CA ASP A 116 6.37 34.06 36.86
C ASP A 116 6.82 32.74 37.48
N PHE A 117 8.05 32.33 37.17
CA PHE A 117 8.60 31.07 37.67
C PHE A 117 9.29 31.16 39.04
N GLU A 118 9.15 32.30 39.71
CA GLU A 118 9.42 32.37 41.15
C GLU A 118 8.12 32.38 41.99
N ASP A 119 6.97 32.30 41.31
CA ASP A 119 5.68 32.06 41.96
C ASP A 119 5.52 30.55 42.18
N LYS A 120 5.65 30.14 43.44
CA LYS A 120 5.63 28.73 43.85
C LYS A 120 4.46 27.96 43.26
N GLN A 121 3.28 28.58 43.21
CA GLN A 121 2.10 27.92 42.69
C GLN A 121 2.23 27.64 41.19
N GLN A 122 2.82 28.58 40.46
CA GLN A 122 3.04 28.39 39.03
C GLN A 122 4.06 27.28 38.76
N VAL A 123 5.08 27.20 39.60
CA VAL A 123 6.14 26.18 39.47
C VAL A 123 5.55 24.78 39.63
N PHE A 124 4.67 24.60 40.60
CA PHE A 124 3.96 23.34 40.79
C PHE A 124 3.04 23.04 39.61
N GLU A 125 2.35 24.06 39.13
CA GLU A 125 1.46 23.94 37.99
C GLU A 125 2.22 23.56 36.72
N TRP A 126 3.41 24.12 36.56
CA TRP A 126 4.27 23.79 35.42
C TRP A 126 4.63 22.30 35.42
N LYS A 127 5.07 21.81 36.58
CA LYS A 127 5.35 20.39 36.75
C LYS A 127 4.15 19.53 36.35
N ASP A 128 2.94 19.91 36.77
CA ASP A 128 1.73 19.18 36.40
C ASP A 128 1.43 19.24 34.91
N LEU A 129 1.64 20.40 34.29
CA LEU A 129 1.46 20.51 32.84
C LEU A 129 2.38 19.56 32.11
N VAL A 130 3.64 19.50 32.55
CA VAL A 130 4.65 18.67 31.90
C VAL A 130 4.34 17.18 32.11
N SER A 131 3.93 16.81 33.32
CA SER A 131 3.46 15.44 33.60
C SER A 131 2.27 15.08 32.75
N SER A 132 1.32 16.00 32.67
CA SER A 132 0.07 15.74 31.94
C SER A 132 0.34 15.50 30.46
N LEU A 133 1.15 16.37 29.86
CA LEU A 133 1.41 16.26 28.43
C LEU A 133 2.25 15.04 28.13
N ALA A 134 3.27 14.76 28.95
CA ALA A 134 4.08 13.57 28.75
C ALA A 134 3.22 12.30 28.80
N ARG A 135 2.41 12.15 29.85
CA ARG A 135 1.51 10.98 29.97
C ARG A 135 0.57 10.87 28.80
N ARG A 136 0.05 12.01 28.35
CA ARG A 136 -0.83 12.02 27.21
C ARG A 136 -0.15 11.38 26.01
N TYR A 137 1.06 11.84 25.69
CA TYR A 137 1.73 11.38 24.46
C TYR A 137 2.33 9.98 24.58
N ILE A 138 2.71 9.58 25.80
CA ILE A 138 3.01 8.16 26.07
C ILE A 138 1.79 7.30 25.78
N GLY A 139 0.61 7.77 26.21
CA GLY A 139 -0.65 7.10 25.87
C GLY A 139 -0.97 7.11 24.38
N ARG A 140 -0.68 8.22 23.71
CA ARG A 140 -1.02 8.38 22.29
C ARG A 140 -0.07 7.64 21.35
N TYR A 141 1.24 7.66 21.63
CA TYR A 141 2.23 7.07 20.73
C TYR A 141 3.01 5.89 21.30
N GLY A 142 2.88 5.62 22.60
CA GLY A 142 3.66 4.57 23.25
C GLY A 142 4.94 5.09 23.92
N LEU A 143 5.30 4.47 25.04
CA LEU A 143 6.48 4.85 25.79
C LEU A 143 7.77 4.74 24.97
N ALA A 144 7.88 3.68 24.18
CA ALA A 144 9.06 3.42 23.39
C ALA A 144 9.34 4.61 22.48
N HIS A 145 8.32 5.07 21.77
CA HIS A 145 8.43 6.23 20.90
C HIS A 145 8.74 7.53 21.65
N VAL A 146 7.99 7.85 22.70
CA VAL A 146 8.17 9.13 23.40
C VAL A 146 9.54 9.21 24.14
N SER A 147 10.09 8.07 24.54
N SER A 147 10.09 8.07 24.54
CA SER A 147 11.39 8.02 25.20
CA SER A 147 11.39 8.02 25.20
C SER A 147 12.55 8.40 24.26
C SER A 147 12.55 8.40 24.26
N LYS A 148 12.29 8.42 22.95
CA LYS A 148 13.29 8.86 21.98
C LYS A 148 13.35 10.38 21.82
N TRP A 149 12.35 11.09 22.35
CA TRP A 149 12.27 12.55 22.19
C TRP A 149 13.29 13.30 23.03
N ASN A 150 13.94 14.28 22.41
CA ASN A 150 14.77 15.24 23.12
C ASN A 150 13.88 16.34 23.69
N PHE A 151 13.36 16.13 24.90
CA PHE A 151 12.76 17.22 25.65
C PHE A 151 13.89 18.17 26.05
N GLU A 152 13.61 19.46 25.96
CA GLU A 152 14.62 20.46 26.11
C GLU A 152 14.02 21.69 26.80
N THR A 153 14.88 22.50 27.41
CA THR A 153 14.45 23.76 28.00
C THR A 153 14.05 24.76 26.93
N TRP A 154 13.37 25.81 27.39
CA TRP A 154 13.10 27.05 26.66
C TRP A 154 14.35 27.44 25.87
N ASN A 155 14.14 27.86 24.63
CA ASN A 155 15.21 28.26 23.73
C ASN A 155 16.00 29.48 24.20
N GLU A 156 17.32 29.38 24.08
CA GLU A 156 18.26 30.46 24.35
C GLU A 156 17.87 31.38 25.50
N PRO A 157 17.83 30.85 26.72
CA PRO A 157 17.34 31.64 27.86
C PRO A 157 18.13 32.93 28.14
N ASP A 158 19.40 32.98 27.73
CA ASP A 158 20.23 34.17 27.92
C ASP A 158 20.16 35.15 26.74
N HIS A 159 19.49 34.78 25.64
CA HIS A 159 19.39 35.65 24.48
C HIS A 159 17.93 35.69 24.01
N HIS A 160 17.02 35.76 24.97
CA HIS A 160 15.59 35.74 24.69
C HIS A 160 14.92 36.84 25.48
N ASP A 161 14.00 37.56 24.86
CA ASP A 161 13.16 38.52 25.58
C ASP A 161 11.92 37.78 26.07
N PHE A 162 11.89 37.51 27.37
CA PHE A 162 10.81 36.74 27.97
C PHE A 162 9.49 37.51 28.06
N ASP A 163 9.57 38.84 27.96
CA ASP A 163 8.40 39.70 27.76
C ASP A 163 7.38 39.54 28.91
N ASN A 164 6.20 38.96 28.65
CA ASN A 164 5.17 38.81 29.68
C ASN A 164 5.44 37.67 30.65
N VAL A 165 6.50 36.91 30.41
CA VAL A 165 6.96 35.90 31.33
C VAL A 165 8.15 36.46 32.09
N SER A 166 8.14 36.30 33.41
CA SER A 166 9.27 36.62 34.25
C SER A 166 10.12 35.37 34.51
N MET A 167 11.33 35.36 33.97
CA MET A 167 12.25 34.24 34.09
C MET A 167 13.59 34.71 34.61
N THR A 168 13.69 34.85 35.92
CA THR A 168 14.94 35.21 36.57
C THR A 168 15.93 34.03 36.55
N MET A 169 17.13 34.25 37.08
CA MET A 169 18.09 33.18 37.29
C MET A 169 17.46 32.06 38.11
N GLN A 170 16.96 32.40 39.29
CA GLN A 170 16.32 31.41 40.15
C GLN A 170 15.07 30.81 39.48
N GLY A 171 14.28 31.66 38.84
CA GLY A 171 13.10 31.20 38.11
C GLY A 171 13.41 30.11 37.09
N PHE A 172 14.51 30.27 36.37
CA PHE A 172 14.95 29.31 35.36
C PHE A 172 15.28 27.97 35.99
N LEU A 173 15.93 28.00 37.16
CA LEU A 173 16.23 26.77 37.89
C LEU A 173 14.95 26.10 38.39
N ASN A 174 14.02 26.90 38.90
CA ASN A 174 12.73 26.38 39.36
C ASN A 174 11.96 25.74 38.21
N TYR A 175 11.87 26.49 37.12
CA TYR A 175 11.33 26.01 35.84
C TYR A 175 11.98 24.68 35.41
N TYR A 176 13.31 24.62 35.47
CA TYR A 176 13.99 23.40 35.06
C TYR A 176 13.56 22.23 35.92
N ASP A 177 13.57 22.43 37.24
CA ASP A 177 13.20 21.39 38.17
C ASP A 177 11.78 20.88 37.94
N ALA A 178 10.88 21.79 37.60
CA ALA A 178 9.52 21.42 37.26
C ALA A 178 9.49 20.59 35.96
N CYS A 179 10.32 20.96 34.99
CA CYS A 179 10.40 20.18 33.74
C CYS A 179 10.88 18.76 34.06
N SER A 180 11.96 18.66 34.84
CA SER A 180 12.60 17.39 35.14
C SER A 180 11.73 16.47 35.99
N GLU A 181 11.12 17.04 37.02
CA GLU A 181 10.18 16.29 37.86
C GLU A 181 8.89 15.93 37.12
N GLY A 182 8.38 16.86 36.30
CA GLY A 182 7.22 16.58 35.49
C GLY A 182 7.43 15.37 34.60
N LEU A 183 8.59 15.31 33.97
CA LEU A 183 8.92 14.20 33.06
C LEU A 183 9.20 12.93 33.86
N ARG A 184 9.90 13.05 34.98
CA ARG A 184 10.14 11.90 35.85
C ARG A 184 8.83 11.24 36.27
N ALA A 185 7.87 12.03 36.77
CA ALA A 185 6.58 11.51 37.22
C ALA A 185 5.86 10.75 36.11
N ALA A 186 6.00 11.22 34.86
CA ALA A 186 5.40 10.55 33.73
C ALA A 186 6.12 9.21 33.44
N SER A 187 7.45 9.25 33.32
CA SER A 187 8.26 8.02 33.22
C SER A 187 9.75 8.34 33.34
N PRO A 188 10.51 7.57 34.14
CA PRO A 188 11.97 7.79 34.25
C PRO A 188 12.71 7.61 32.91
N ALA A 189 12.08 6.94 31.94
CA ALA A 189 12.71 6.74 30.64
C ALA A 189 12.77 8.02 29.76
N LEU A 190 12.00 9.04 30.09
CA LEU A 190 11.99 10.27 29.27
C LEU A 190 13.27 11.09 29.48
N ARG A 191 13.74 11.69 28.40
CA ARG A 191 15.02 12.38 28.35
C ARG A 191 14.85 13.91 28.38
N LEU A 192 15.65 14.59 29.21
CA LEU A 192 15.62 16.05 29.29
C LEU A 192 17.03 16.67 29.26
N GLY A 193 17.19 17.74 28.48
CA GLY A 193 18.44 18.51 28.49
C GLY A 193 18.22 20.01 28.25
N GLY A 194 19.33 20.74 28.21
CA GLY A 194 19.32 22.19 27.98
C GLY A 194 20.75 22.70 28.11
N PRO A 195 20.96 24.02 28.09
CA PRO A 195 19.93 25.04 28.01
C PRO A 195 19.52 25.45 26.61
N GLY A 196 20.23 24.96 25.60
CA GLY A 196 19.98 25.39 24.20
C GLY A 196 20.45 26.82 23.99
N ASP A 197 21.71 27.11 24.33
CA ASP A 197 22.22 28.48 24.25
C ASP A 197 23.74 28.46 24.02
N SER A 198 24.35 29.63 23.85
CA SER A 198 25.69 29.71 23.29
C SER A 198 26.81 29.59 24.31
N PHE A 199 26.51 29.79 25.59
CA PHE A 199 27.51 29.72 26.66
C PHE A 199 28.63 30.75 26.43
N HIS A 200 28.27 32.02 26.38
CA HIS A 200 29.26 33.07 26.27
C HIS A 200 30.11 33.10 27.56
N THR A 201 31.33 33.63 27.45
CA THR A 201 32.27 33.64 28.58
C THR A 201 31.69 34.26 29.86
N PRO A 202 31.71 33.53 30.98
CA PRO A 202 31.27 34.13 32.24
C PRO A 202 31.98 35.48 32.48
N PRO A 203 31.30 36.49 33.02
CA PRO A 203 29.98 36.37 33.62
C PRO A 203 28.78 36.47 32.66
N ARG A 204 29.01 36.38 31.35
CA ARG A 204 27.91 36.31 30.40
C ARG A 204 27.16 35.00 30.57
N SER A 205 25.99 34.94 29.93
CA SER A 205 25.16 33.75 29.89
C SER A 205 24.93 33.11 31.27
N PRO A 206 24.44 33.90 32.24
CA PRO A 206 24.26 33.39 33.61
C PRO A 206 23.23 32.25 33.73
N LEU A 207 22.15 32.28 32.98
CA LEU A 207 21.17 31.21 33.11
C LEU A 207 21.71 29.88 32.56
N SER A 208 22.53 29.94 31.52
CA SER A 208 23.13 28.75 30.92
C SER A 208 24.18 28.10 31.82
N TRP A 209 25.18 28.87 32.26
CA TRP A 209 26.18 28.34 33.20
C TRP A 209 25.53 27.99 34.53
N GLY A 210 24.54 28.79 34.93
CA GLY A 210 23.82 28.58 36.18
C GLY A 210 23.04 27.26 36.18
N LEU A 211 22.46 26.90 35.04
CA LEU A 211 21.76 25.62 34.92
C LEU A 211 22.72 24.48 35.19
N LEU A 212 23.90 24.53 34.60
CA LEU A 212 24.89 23.47 34.77
C LEU A 212 25.31 23.35 36.23
N ARG A 213 25.63 24.45 36.89
CA ARG A 213 26.02 24.38 38.30
C ARG A 213 24.86 23.88 39.19
N HIS A 214 23.65 24.34 38.88
CA HIS A 214 22.44 23.86 39.58
C HIS A 214 22.24 22.34 39.44
N CYS A 215 22.36 21.82 38.22
CA CYS A 215 22.27 20.38 38.00
C CYS A 215 23.45 19.57 38.59
N HIS A 216 24.64 20.17 38.60
CA HIS A 216 25.83 19.55 39.19
C HIS A 216 25.75 19.51 40.74
N ASP A 217 25.40 20.63 41.35
CA ASP A 217 25.53 20.87 42.80
C ASP A 217 24.33 21.48 43.53
N GLY A 218 23.31 21.95 42.79
CA GLY A 218 22.24 22.78 43.37
C GLY A 218 21.18 21.98 44.10
N THR A 219 20.14 22.63 44.59
CA THR A 219 19.05 21.96 45.30
C THR A 219 17.80 21.84 44.44
N ASN A 220 17.26 20.62 44.34
CA ASN A 220 16.02 20.34 43.64
C ASN A 220 14.83 20.98 44.38
N PHE A 221 14.08 21.81 43.66
CA PHE A 221 13.01 22.64 44.22
C PHE A 221 11.94 21.81 44.91
N PHE A 222 11.66 20.62 44.38
CA PHE A 222 10.59 19.78 44.89
C PHE A 222 11.05 18.80 45.95
N THR A 223 12.26 18.24 45.80
CA THR A 223 12.74 17.16 46.67
C THR A 223 13.83 17.54 47.65
N GLY A 224 14.51 18.67 47.44
CA GLY A 224 15.64 19.05 48.29
C GLY A 224 16.94 18.31 48.01
N GLU A 225 16.93 17.41 47.04
CA GLU A 225 18.12 16.63 46.72
C GLU A 225 19.24 17.49 46.12
N ALA A 226 20.47 17.16 46.46
CA ALA A 226 21.64 17.81 45.87
C ALA A 226 21.83 17.30 44.44
N GLY A 227 21.81 18.22 43.48
CA GLY A 227 21.95 17.90 42.06
C GLY A 227 20.63 17.52 41.44
N VAL A 228 20.53 17.74 40.13
CA VAL A 228 19.32 17.42 39.35
C VAL A 228 19.73 16.83 38.00
N ARG A 229 18.93 15.88 37.53
CA ARG A 229 19.11 15.20 36.26
C ARG A 229 19.38 16.18 35.13
N LEU A 230 20.33 15.84 34.28
CA LEU A 230 20.60 16.55 33.03
C LEU A 230 21.14 15.51 32.04
N ASP A 231 20.29 15.06 31.11
CA ASP A 231 20.66 13.94 30.24
C ASP A 231 21.58 14.35 29.10
N TYR A 232 21.48 15.59 28.66
CA TYR A 232 22.40 16.12 27.65
C TYR A 232 22.53 17.63 27.84
N ILE A 233 23.64 18.17 27.35
CA ILE A 233 23.88 19.61 27.33
C ILE A 233 23.79 20.09 25.88
N SER A 234 22.88 21.01 25.62
CA SER A 234 22.71 21.56 24.29
C SER A 234 23.24 22.99 24.20
N LEU A 235 24.16 23.20 23.27
CA LEU A 235 24.65 24.54 22.98
C LEU A 235 24.22 24.96 21.59
N HIS A 236 24.38 26.26 21.31
CA HIS A 236 24.17 26.86 19.99
C HIS A 236 25.46 27.59 19.60
N ARG A 237 26.09 27.19 18.51
CA ARG A 237 27.20 27.95 17.95
C ARG A 237 27.14 27.94 16.43
N LYS A 238 27.23 29.14 15.86
CA LYS A 238 27.15 29.38 14.43
C LYS A 238 28.49 29.83 13.86
N GLY A 239 28.62 29.79 12.54
CA GLY A 239 29.92 29.92 11.90
C GLY A 239 30.39 31.33 11.54
N ALA A 240 29.49 32.31 11.54
CA ALA A 240 29.75 33.62 10.91
C ALA A 240 30.39 33.42 9.52
N ARG A 241 29.81 32.50 8.76
CA ARG A 241 30.26 32.15 7.40
C ARG A 241 31.46 31.18 7.33
N SER A 242 32.02 30.78 8.47
CA SER A 242 33.10 29.80 8.49
C SER A 242 32.61 28.44 8.98
N SER A 243 32.88 27.38 8.21
CA SER A 243 32.50 26.03 8.61
C SER A 243 33.33 25.56 9.82
N ILE A 244 34.66 25.65 9.70
CA ILE A 244 35.53 25.13 10.74
C ILE A 244 35.36 25.87 12.08
N SER A 245 34.97 27.14 12.00
CA SER A 245 34.72 27.96 13.20
C SER A 245 33.68 27.34 14.13
N ILE A 246 32.69 26.67 13.55
CA ILE A 246 31.64 26.02 14.34
C ILE A 246 32.29 25.00 15.28
N LEU A 247 33.06 24.08 14.70
CA LEU A 247 33.82 23.08 15.44
C LEU A 247 34.77 23.68 16.45
N GLU A 248 35.46 24.74 16.05
CA GLU A 248 36.43 25.39 16.94
C GLU A 248 35.74 25.91 18.20
N GLN A 249 34.63 26.62 18.01
CA GLN A 249 33.87 27.20 19.13
C GLN A 249 33.28 26.13 20.03
N GLU A 250 32.71 25.08 19.43
CA GLU A 250 32.20 23.92 20.20
C GLU A 250 33.25 23.31 21.12
N LYS A 251 34.47 23.16 20.63
CA LYS A 251 35.56 22.56 21.41
C LYS A 251 35.94 23.41 22.61
N VAL A 252 35.94 24.74 22.45
CA VAL A 252 36.24 25.66 23.55
C VAL A 252 35.20 25.52 24.65
N VAL A 253 33.92 25.60 24.29
CA VAL A 253 32.84 25.43 25.26
C VAL A 253 32.83 24.04 25.91
N ALA A 254 33.02 22.97 25.13
CA ALA A 254 33.01 21.61 25.70
C ALA A 254 34.17 21.42 26.70
N GLN A 255 35.32 21.98 26.39
CA GLN A 255 36.49 21.96 27.30
C GLN A 255 36.21 22.73 28.60
N GLN A 256 35.58 23.89 28.52
CA GLN A 256 35.22 24.65 29.73
C GLN A 256 34.23 23.85 30.59
N ILE A 257 33.24 23.25 29.96
CA ILE A 257 32.27 22.39 30.67
C ILE A 257 32.96 21.23 31.42
N ARG A 258 33.86 20.54 30.71
CA ARG A 258 34.65 19.43 31.24
C ARG A 258 35.52 19.86 32.43
N GLN A 259 36.17 21.01 32.32
CA GLN A 259 37.02 21.55 33.40
C GLN A 259 36.22 21.99 34.63
N LEU A 260 35.12 22.71 34.41
CA LEU A 260 34.31 23.25 35.51
C LEU A 260 33.40 22.22 36.17
N PHE A 261 32.98 21.19 35.44
CA PHE A 261 31.96 20.25 35.93
C PHE A 261 32.36 18.79 35.68
N PRO A 262 33.16 18.22 36.60
CA PRO A 262 33.67 16.85 36.49
C PRO A 262 32.61 15.79 36.21
N LYS A 263 31.41 15.96 36.77
CA LYS A 263 30.34 14.99 36.61
C LYS A 263 29.79 14.92 35.19
N PHE A 264 30.05 15.97 34.38
CA PHE A 264 29.49 16.05 33.03
C PHE A 264 30.49 15.61 31.97
N ALA A 265 31.61 15.05 32.40
CA ALA A 265 32.64 14.55 31.52
C ALA A 265 32.11 13.66 30.37
N ASP A 266 31.12 12.81 30.66
CA ASP A 266 30.54 11.96 29.63
C ASP A 266 29.14 12.38 29.21
N THR A 267 28.71 13.57 29.61
CA THR A 267 27.37 14.04 29.27
C THR A 267 27.32 14.44 27.78
N PRO A 268 26.38 13.87 27.01
CA PRO A 268 26.34 14.19 25.58
C PRO A 268 26.14 15.69 25.29
N ILE A 269 26.86 16.19 24.30
CA ILE A 269 26.74 17.59 23.89
C ILE A 269 26.08 17.64 22.52
N TYR A 270 25.06 18.48 22.41
CA TYR A 270 24.38 18.75 21.15
C TYR A 270 24.72 20.17 20.72
N ASN A 271 24.91 20.39 19.43
CA ASN A 271 24.81 21.75 18.90
C ASN A 271 23.52 21.78 18.09
N ASP A 272 22.44 22.20 18.70
CA ASP A 272 21.15 22.16 18.01
C ASP A 272 20.73 23.47 17.31
N GLU A 273 21.71 24.34 17.06
CA GLU A 273 21.57 25.44 16.08
C GLU A 273 22.95 25.73 15.48
N ALA A 274 23.38 24.88 14.54
CA ALA A 274 24.77 24.84 14.08
C ALA A 274 24.92 25.38 12.66
N ASP A 275 24.32 26.54 12.44
CA ASP A 275 24.19 27.11 11.11
C ASP A 275 25.44 27.90 10.69
N PRO A 276 25.71 27.96 9.38
CA PRO A 276 26.78 28.83 8.85
C PRO A 276 26.70 30.28 9.33
N LEU A 277 25.49 30.84 9.34
CA LEU A 277 25.31 32.26 9.71
C LEU A 277 24.02 32.50 10.46
N VAL A 278 24.14 33.20 11.59
CA VAL A 278 22.98 33.68 12.35
C VAL A 278 22.06 34.53 11.48
N GLY A 279 20.76 34.36 11.69
CA GLY A 279 19.74 35.21 11.06
C GLY A 279 19.16 34.55 9.84
N TRP A 280 18.17 33.69 10.06
CA TRP A 280 17.65 32.83 9.00
C TRP A 280 17.01 33.60 7.84
N SER A 281 16.38 34.73 8.15
CA SER A 281 15.57 35.48 7.17
C SER A 281 16.39 36.45 6.30
N LEU A 282 17.64 36.70 6.68
CA LEU A 282 18.55 37.54 5.88
C LEU A 282 18.81 36.89 4.52
N PRO A 283 18.45 37.58 3.42
CA PRO A 283 18.70 36.96 2.11
C PRO A 283 20.21 36.83 1.82
N GLN A 284 20.63 35.63 1.41
CA GLN A 284 22.01 35.37 1.05
C GLN A 284 21.99 34.50 -0.20
N PRO A 285 22.57 34.96 -1.31
CA PRO A 285 22.54 34.13 -2.53
C PRO A 285 23.05 32.70 -2.33
N TRP A 286 24.05 32.53 -1.46
CA TRP A 286 24.60 31.19 -1.21
C TRP A 286 23.64 30.21 -0.51
N ARG A 287 22.66 30.74 0.22
CA ARG A 287 21.59 29.93 0.82
C ARG A 287 20.64 29.32 -0.20
N ALA A 288 20.62 29.85 -1.41
CA ALA A 288 19.68 29.42 -2.44
C ALA A 288 20.01 28.09 -3.10
N ASP A 289 21.27 27.67 -3.04
CA ASP A 289 21.72 26.63 -3.94
C ASP A 289 22.76 25.64 -3.37
N VAL A 290 23.60 25.09 -4.23
CA VAL A 290 24.51 24.02 -3.85
C VAL A 290 25.62 24.56 -2.96
N THR A 291 25.78 25.87 -2.92
CA THR A 291 26.79 26.49 -2.04
C THR A 291 26.49 26.15 -0.59
N TYR A 292 25.27 26.44 -0.17
CA TYR A 292 24.80 26.08 1.18
C TYR A 292 24.87 24.55 1.40
N ALA A 293 24.38 23.78 0.43
CA ALA A 293 24.40 22.31 0.51
C ALA A 293 25.79 21.73 0.77
N ALA A 294 26.76 22.20 0.00
CA ALA A 294 28.10 21.63 0.07
C ALA A 294 28.79 22.01 1.37
N MET A 295 28.48 23.21 1.86
CA MET A 295 29.00 23.67 3.16
C MET A 295 28.44 22.82 4.29
N VAL A 296 27.16 22.47 4.21
CA VAL A 296 26.52 21.65 5.24
C VAL A 296 27.23 20.28 5.33
N VAL A 297 27.55 19.69 4.18
CA VAL A 297 28.25 18.41 4.14
C VAL A 297 29.65 18.58 4.69
N LYS A 298 30.29 19.67 4.31
CA LYS A 298 31.64 20.00 4.76
C LYS A 298 31.69 20.09 6.28
N VAL A 299 30.71 20.78 6.88
CA VAL A 299 30.65 20.91 8.35
C VAL A 299 30.52 19.53 9.00
N ILE A 300 29.64 18.70 8.45
CA ILE A 300 29.46 17.34 8.95
C ILE A 300 30.74 16.50 8.83
N ALA A 301 31.43 16.57 7.68
CA ALA A 301 32.68 15.82 7.50
C ALA A 301 33.73 16.27 8.52
N GLN A 302 33.84 17.57 8.71
CA GLN A 302 34.72 18.13 9.71
C GLN A 302 34.43 17.55 11.08
N HIS A 303 33.15 17.43 11.43
CA HIS A 303 32.78 16.88 12.73
C HIS A 303 33.11 15.41 12.84
N GLN A 304 32.85 14.63 11.81
CA GLN A 304 33.20 13.21 11.86
C GLN A 304 34.71 13.01 11.90
N ASN A 305 35.43 13.68 11.00
CA ASN A 305 36.85 13.42 10.82
C ASN A 305 37.75 14.08 11.88
N LEU A 306 37.38 15.25 12.38
CA LEU A 306 38.24 16.03 13.27
C LEU A 306 37.82 16.05 14.72
N LEU A 307 36.66 15.46 15.03
CA LEU A 307 36.15 15.42 16.41
C LEU A 307 35.78 14.00 16.83
N LEU A 308 34.81 13.40 16.14
CA LEU A 308 34.26 12.09 16.53
C LEU A 308 35.23 10.94 16.30
N ALA A 309 35.87 10.93 15.14
CA ALA A 309 36.94 9.99 14.88
C ALA A 309 38.20 10.50 15.57
N ALA A 314 38.66 14.00 23.51
CA ALA A 314 37.57 13.22 22.90
C ALA A 314 36.21 13.65 23.46
N PHE A 315 35.69 14.79 22.98
CA PHE A 315 34.46 15.37 23.56
C PHE A 315 33.24 14.52 23.17
N PRO A 316 32.26 14.40 24.07
CA PRO A 316 31.10 13.51 23.82
C PRO A 316 29.99 14.16 22.97
N TYR A 317 30.31 14.49 21.72
CA TYR A 317 29.40 15.18 20.81
C TYR A 317 28.44 14.17 20.20
N ALA A 318 27.15 14.49 20.20
CA ALA A 318 26.13 13.52 19.82
C ALA A 318 25.17 13.98 18.75
N LEU A 319 25.04 15.29 18.53
CA LEU A 319 24.01 15.80 17.63
C LEU A 319 24.36 17.18 17.07
N LEU A 320 24.12 17.32 15.77
CA LEU A 320 24.27 18.58 15.09
C LEU A 320 22.98 18.85 14.35
N SER A 321 22.38 20.00 14.61
CA SER A 321 21.17 20.36 13.91
C SER A 321 21.35 21.66 13.14
N ASN A 322 21.02 21.61 11.86
CA ASN A 322 20.89 22.80 11.00
C ASN A 322 19.48 23.38 11.12
N ASP A 323 19.37 24.60 11.64
CA ASP A 323 18.06 25.18 11.98
C ASP A 323 17.41 25.80 10.75
N ASN A 324 16.97 24.95 9.83
CA ASN A 324 16.58 25.42 8.50
C ASN A 324 15.22 24.90 8.00
N ALA A 325 14.29 24.61 8.92
CA ALA A 325 12.93 24.20 8.51
C ALA A 325 11.92 25.36 8.42
N PHE A 326 12.41 26.59 8.51
CA PHE A 326 11.57 27.79 8.33
C PHE A 326 10.95 27.83 6.93
N LEU A 327 9.84 28.52 6.79
CA LEU A 327 9.25 28.82 5.47
C LEU A 327 9.67 30.20 4.97
N SER A 328 10.11 30.28 3.71
CA SER A 328 10.63 31.53 3.16
C SER A 328 9.53 32.54 2.80
N TYR A 329 9.92 33.81 2.73
CA TYR A 329 8.99 34.94 2.53
C TYR A 329 9.31 35.69 1.24
N HIS A 330 8.26 36.21 0.61
CA HIS A 330 8.42 37.18 -0.47
C HIS A 330 9.13 38.41 0.11
N PRO A 331 10.10 38.99 -0.59
CA PRO A 331 10.48 38.65 -1.96
C PRO A 331 11.75 37.74 -2.07
N HIS A 332 11.92 36.81 -1.12
CA HIS A 332 13.16 36.03 -0.99
C HIS A 332 12.91 34.51 -0.91
N PRO A 333 12.19 33.96 -1.90
CA PRO A 333 11.79 32.55 -1.86
C PRO A 333 12.96 31.57 -1.70
N PHE A 334 14.08 31.82 -2.37
CA PHE A 334 15.25 30.92 -2.35
C PHE A 334 16.37 31.30 -1.39
N ALA A 335 16.49 32.59 -1.09
CA ALA A 335 17.69 33.11 -0.45
C ALA A 335 17.71 33.09 1.08
N GLN A 336 16.70 32.49 1.70
CA GLN A 336 16.67 32.42 3.17
C GLN A 336 17.11 31.04 3.64
N ARG A 337 17.38 30.92 4.93
CA ARG A 337 17.83 29.67 5.54
C ARG A 337 16.66 28.71 5.63
N THR A 338 16.39 28.02 4.53
CA THR A 338 15.29 27.10 4.48
C THR A 338 15.63 25.86 3.65
N LEU A 339 15.00 24.75 4.01
CA LEU A 339 15.14 23.52 3.25
C LEU A 339 14.35 23.59 1.95
N THR A 340 13.19 24.24 2.00
CA THR A 340 12.34 24.43 0.84
C THR A 340 12.27 25.89 0.44
N ALA A 341 11.91 26.12 -0.82
CA ALA A 341 11.59 27.46 -1.32
C ALA A 341 10.08 27.58 -1.49
N ARG A 342 9.46 28.50 -0.75
CA ARG A 342 8.01 28.68 -0.78
C ARG A 342 7.57 29.75 -1.79
N PHE A 343 6.54 29.41 -2.55
CA PHE A 343 5.87 30.34 -3.45
C PHE A 343 4.39 30.36 -3.07
N GLN A 344 3.94 31.49 -2.53
CA GLN A 344 2.53 31.72 -2.30
C GLN A 344 1.94 32.28 -3.59
N VAL A 345 1.28 31.42 -4.36
CA VAL A 345 0.79 31.79 -5.68
C VAL A 345 -0.59 32.41 -5.46
N ASN A 346 -0.62 33.74 -5.37
CA ASN A 346 -1.85 34.46 -5.00
C ASN A 346 -2.78 34.80 -6.17
N ASN A 347 -2.34 34.56 -7.40
CA ASN A 347 -3.14 34.90 -8.57
C ASN A 347 -4.05 33.77 -9.06
N THR A 348 -4.12 32.66 -8.33
CA THR A 348 -5.11 31.60 -8.63
C THR A 348 -6.32 31.72 -7.70
N ARG A 349 -7.43 31.11 -8.11
CA ARG A 349 -8.67 31.09 -7.32
C ARG A 349 -9.05 29.65 -7.00
N PRO A 350 -8.95 29.21 -5.74
CA PRO A 350 -8.34 30.00 -4.65
C PRO A 350 -6.82 30.10 -4.79
N PRO A 351 -6.19 31.05 -4.07
CA PRO A 351 -4.73 31.12 -4.00
C PRO A 351 -4.16 29.85 -3.37
N HIS A 352 -2.97 29.43 -3.77
CA HIS A 352 -2.40 28.18 -3.26
C HIS A 352 -0.91 28.33 -2.97
N VAL A 353 -0.32 27.28 -2.42
CA VAL A 353 1.10 27.28 -2.09
C VAL A 353 1.82 26.16 -2.82
N GLN A 354 3.04 26.47 -3.25
CA GLN A 354 3.96 25.50 -3.86
C GLN A 354 5.30 25.57 -3.15
N LEU A 355 5.91 24.41 -2.92
CA LEU A 355 7.28 24.38 -2.41
C LEU A 355 8.20 23.75 -3.43
N LEU A 356 9.44 24.24 -3.49
CA LEU A 356 10.51 23.55 -4.17
C LEU A 356 11.55 23.06 -3.20
N ARG A 357 12.10 21.88 -3.52
CA ARG A 357 13.19 21.26 -2.80
C ARG A 357 14.48 22.00 -3.17
N LYS A 358 15.09 22.65 -2.20
CA LYS A 358 16.38 23.31 -2.43
C LYS A 358 17.54 22.32 -2.34
N PRO A 359 18.69 22.67 -2.94
CA PRO A 359 19.81 21.71 -2.92
C PRO A 359 20.25 21.24 -1.54
N VAL A 360 20.14 22.08 -0.51
CA VAL A 360 20.47 21.65 0.84
C VAL A 360 19.62 20.45 1.30
N LEU A 361 18.33 20.46 0.97
CA LEU A 361 17.44 19.33 1.31
C LEU A 361 17.80 18.08 0.51
N THR A 362 18.09 18.26 -0.78
CA THR A 362 18.55 17.15 -1.62
C THR A 362 19.84 16.56 -1.09
N ALA A 363 20.75 17.41 -0.61
CA ALA A 363 21.99 16.96 -0.02
C ALA A 363 21.81 16.07 1.21
N MET A 364 20.78 16.36 2.02
CA MET A 364 20.48 15.51 3.18
C MET A 364 20.14 14.07 2.77
N GLY A 365 19.57 13.92 1.58
CA GLY A 365 19.37 12.60 0.96
C GLY A 365 20.64 11.89 0.50
N LEU A 366 21.67 12.63 0.09
CA LEU A 366 22.96 12.04 -0.20
C LEU A 366 23.69 11.60 1.06
N LEU A 367 23.68 12.45 2.09
CA LEU A 367 24.20 12.09 3.40
C LEU A 367 23.49 10.87 3.99
N ALA A 368 22.20 10.74 3.71
CA ALA A 368 21.41 9.60 4.20
C ALA A 368 21.89 8.26 3.67
N LEU A 369 22.60 8.25 2.55
CA LEU A 369 23.12 7.00 1.99
C LEU A 369 24.35 6.49 2.70
N LEU A 370 24.96 7.29 3.58
CA LEU A 370 26.10 6.83 4.36
C LEU A 370 25.66 5.74 5.33
N ASP A 371 26.50 4.71 5.44
CA ASP A 371 26.18 3.53 6.25
C ASP A 371 27.02 3.52 7.54
N GLU A 372 26.98 2.42 8.28
CA GLU A 372 27.32 2.40 9.70
C GLU A 372 28.83 2.35 10.05
N GLU A 373 29.68 1.98 9.10
CA GLU A 373 31.12 1.96 9.35
C GLU A 373 31.86 2.97 8.49
N GLN A 374 32.76 3.73 9.09
CA GLN A 374 33.61 4.64 8.32
C GLN A 374 34.82 3.90 7.74
N LEU A 375 35.03 4.10 6.45
CA LEU A 375 36.20 3.59 5.75
C LEU A 375 37.36 4.57 5.81
N TRP A 376 38.56 4.02 5.79
CA TRP A 376 39.76 4.81 5.64
C TRP A 376 39.73 5.55 4.32
N ALA A 377 40.04 6.83 4.39
CA ALA A 377 40.14 7.62 3.20
C ALA A 377 41.18 8.71 3.41
N GLU A 378 41.81 9.12 2.33
CA GLU A 378 42.85 10.14 2.40
C GLU A 378 42.77 11.02 1.17
N VAL A 379 42.72 12.33 1.43
CA VAL A 379 42.70 13.34 0.39
C VAL A 379 44.09 13.97 0.39
N SER A 380 44.63 14.19 -0.79
CA SER A 380 45.93 14.82 -0.89
C SER A 380 46.06 15.65 -2.14
N GLN A 381 46.97 16.61 -2.10
CA GLN A 381 47.20 17.50 -3.22
C GLN A 381 48.69 17.52 -3.40
N ALA A 382 49.12 16.98 -4.53
CA ALA A 382 50.55 16.79 -4.83
C ALA A 382 51.31 16.14 -3.66
N GLY A 383 50.73 15.11 -3.05
CA GLY A 383 51.40 14.36 -1.97
C GLY A 383 51.22 14.91 -0.56
N THR A 384 50.77 16.15 -0.44
CA THR A 384 50.44 16.73 0.86
C THR A 384 49.03 16.27 1.31
N VAL A 385 48.96 15.58 2.43
CA VAL A 385 47.69 15.08 2.97
C VAL A 385 46.90 16.26 3.55
N LEU A 386 45.63 16.35 3.16
CA LEU A 386 44.73 17.39 3.64
C LEU A 386 43.60 16.77 4.46
N ASP A 387 43.33 17.37 5.61
CA ASP A 387 42.19 16.94 6.43
C ASP A 387 40.93 17.73 5.98
N SER A 388 39.79 17.51 6.66
CA SER A 388 38.52 18.09 6.20
C SER A 388 38.40 19.61 6.44
N ASN A 389 39.41 20.21 7.07
CA ASN A 389 39.52 21.66 7.19
C ASN A 389 40.17 22.22 5.90
N HIS A 390 39.56 21.93 4.75
N HIS A 390 39.55 21.94 4.75
CA HIS A 390 40.06 22.36 3.44
CA HIS A 390 40.05 22.33 3.43
C HIS A 390 38.86 22.34 2.49
C HIS A 390 38.86 22.34 2.49
N THR A 391 39.03 22.87 1.29
CA THR A 391 37.92 23.02 0.34
C THR A 391 37.46 21.71 -0.32
N VAL A 392 38.29 20.67 -0.26
CA VAL A 392 37.94 19.37 -0.82
C VAL A 392 38.11 18.30 0.24
N GLY A 393 37.08 17.47 0.41
CA GLY A 393 37.19 16.40 1.39
C GLY A 393 36.18 15.30 1.15
N VAL A 394 36.16 14.32 2.04
CA VAL A 394 35.44 13.10 1.80
C VAL A 394 34.93 12.43 3.08
N LEU A 395 33.78 11.76 2.95
CA LEU A 395 33.30 10.81 3.94
C LEU A 395 33.02 9.51 3.22
N ALA A 396 33.60 8.41 3.70
CA ALA A 396 33.40 7.11 3.07
C ALA A 396 32.89 6.13 4.11
N SER A 397 31.88 5.36 3.73
CA SER A 397 31.27 4.38 4.63
C SER A 397 31.16 2.99 3.98
N ALA A 398 31.04 1.97 4.82
CA ALA A 398 30.69 0.62 4.37
C ALA A 398 29.56 0.03 5.22
N HIS A 399 28.82 -0.88 4.62
CA HIS A 399 27.69 -1.55 5.22
C HIS A 399 27.91 -3.06 5.20
N ARG A 400 27.74 -3.70 6.35
CA ARG A 400 27.79 -5.16 6.44
C ARG A 400 26.38 -5.71 6.29
N PRO A 401 26.20 -6.73 5.44
CA PRO A 401 24.88 -7.30 5.11
C PRO A 401 24.03 -7.76 6.32
N GLN A 402 22.75 -7.40 6.33
CA GLN A 402 21.79 -7.80 7.38
C GLN A 402 21.11 -9.15 7.04
N GLY A 403 20.17 -9.13 6.10
CA GLY A 403 19.47 -10.34 5.65
C GLY A 403 19.52 -10.51 4.13
N PRO A 404 18.65 -11.38 3.58
CA PRO A 404 18.63 -11.63 2.12
C PRO A 404 18.08 -10.48 1.26
N ALA A 405 17.40 -9.51 1.88
CA ALA A 405 17.03 -8.26 1.19
C ALA A 405 18.16 -7.23 1.23
N ASP A 406 19.33 -7.66 1.68
CA ASP A 406 20.47 -6.77 1.92
C ASP A 406 21.78 -7.38 1.42
N ALA A 407 22.78 -6.53 1.17
CA ALA A 407 24.12 -6.99 0.80
C ALA A 407 25.14 -5.90 1.11
N TRP A 408 26.41 -6.15 0.81
CA TRP A 408 27.48 -5.19 1.08
C TRP A 408 27.27 -3.90 0.28
N ARG A 409 27.58 -2.76 0.91
CA ARG A 409 27.56 -1.47 0.23
C ARG A 409 28.74 -0.58 0.64
N ALA A 410 29.12 0.32 -0.26
CA ALA A 410 30.01 1.43 0.08
C ALA A 410 29.44 2.73 -0.48
N ALA A 411 29.56 3.80 0.30
CA ALA A 411 29.13 5.11 -0.15
C ALA A 411 30.27 6.09 0.08
N VAL A 412 30.68 6.79 -0.98
CA VAL A 412 31.77 7.76 -0.91
C VAL A 412 31.19 9.12 -1.28
N LEU A 413 31.17 10.05 -0.32
CA LEU A 413 30.64 11.39 -0.53
C LEU A 413 31.77 12.38 -0.53
N ILE A 414 32.02 12.98 -1.69
CA ILE A 414 33.08 13.97 -1.83
C ILE A 414 32.44 15.34 -1.95
N TYR A 415 32.97 16.32 -1.21
CA TYR A 415 32.51 17.69 -1.32
C TYR A 415 33.62 18.57 -1.86
N ALA A 416 33.20 19.61 -2.58
CA ALA A 416 34.08 20.71 -2.93
C ALA A 416 33.33 21.96 -2.50
N SER A 417 33.89 22.66 -1.52
CA SER A 417 33.19 23.79 -0.88
C SER A 417 34.16 24.80 -0.32
N ASP A 418 33.98 26.07 -0.72
CA ASP A 418 34.71 27.18 -0.10
C ASP A 418 33.76 27.95 0.83
N ASP A 419 33.07 27.20 1.69
CA ASP A 419 32.09 27.76 2.63
C ASP A 419 31.01 28.58 1.93
N THR A 420 30.85 29.88 2.24
CA THR A 420 29.78 30.68 1.65
C THR A 420 30.14 31.30 0.29
N ARG A 421 31.39 31.09 -0.17
CA ARG A 421 31.86 31.67 -1.43
C ARG A 421 31.74 30.68 -2.59
N ALA A 422 31.07 31.13 -3.65
CA ALA A 422 30.91 30.38 -4.89
C ALA A 422 31.62 31.16 -5.97
N HIS A 423 32.50 30.50 -6.70
CA HIS A 423 33.17 31.09 -7.82
C HIS A 423 32.83 30.29 -9.10
N PRO A 424 32.07 30.91 -10.03
CA PRO A 424 31.70 30.20 -11.28
C PRO A 424 32.91 29.77 -12.11
N ASN A 425 34.03 30.46 -11.93
CA ASN A 425 35.32 30.06 -12.50
C ASN A 425 35.92 28.78 -11.93
N ARG A 426 35.47 28.35 -10.76
CA ARG A 426 36.32 27.52 -9.90
C ARG A 426 35.98 26.05 -9.98
N SER A 427 36.98 25.24 -10.31
CA SER A 427 36.79 23.80 -10.46
C SER A 427 37.95 23.05 -9.85
N VAL A 428 37.78 21.74 -9.70
CA VAL A 428 38.82 20.89 -9.16
C VAL A 428 38.83 19.53 -9.83
N ALA A 429 40.04 19.16 -10.26
CA ALA A 429 40.30 17.85 -10.84
C ALA A 429 40.55 16.83 -9.73
N VAL A 430 39.68 15.85 -9.63
CA VAL A 430 39.78 14.80 -8.62
C VAL A 430 40.13 13.49 -9.31
N THR A 431 41.01 12.73 -8.66
CA THR A 431 41.19 11.33 -8.99
C THR A 431 40.75 10.54 -7.77
N LEU A 432 39.72 9.72 -7.94
CA LEU A 432 39.24 8.86 -6.87
C LEU A 432 39.81 7.47 -7.13
N ARG A 433 40.57 6.95 -6.17
CA ARG A 433 41.07 5.58 -6.25
C ARG A 433 40.43 4.77 -5.14
N LEU A 434 39.41 3.98 -5.48
CA LEU A 434 38.74 3.08 -4.56
C LEU A 434 39.35 1.70 -4.70
N ARG A 435 39.79 1.11 -3.58
CA ARG A 435 40.27 -0.27 -3.59
C ARG A 435 39.71 -1.05 -2.40
N GLY A 436 39.91 -2.36 -2.45
CA GLY A 436 39.60 -3.25 -1.35
C GLY A 436 38.13 -3.67 -1.23
N VAL A 437 37.33 -3.47 -2.27
CA VAL A 437 35.94 -3.87 -2.26
C VAL A 437 35.88 -5.41 -2.20
N PRO A 438 35.21 -5.98 -1.19
CA PRO A 438 35.25 -7.42 -1.08
C PRO A 438 34.48 -8.10 -2.22
N PRO A 439 34.88 -9.32 -2.61
CA PRO A 439 34.09 -10.06 -3.59
C PRO A 439 32.63 -10.16 -3.17
N GLY A 440 31.73 -10.05 -4.15
CA GLY A 440 30.29 -10.17 -3.90
C GLY A 440 29.55 -10.27 -5.21
N PRO A 441 28.29 -10.69 -5.17
CA PRO A 441 27.53 -10.88 -6.40
C PRO A 441 27.04 -9.56 -7.01
N GLY A 442 27.06 -9.50 -8.35
CA GLY A 442 26.50 -8.38 -9.10
C GLY A 442 26.95 -7.00 -8.69
N LEU A 443 28.23 -6.86 -8.36
CA LEU A 443 28.77 -5.56 -7.96
C LEU A 443 28.58 -4.49 -9.03
N VAL A 444 27.97 -3.37 -8.64
CA VAL A 444 27.76 -2.24 -9.54
C VAL A 444 28.03 -0.92 -8.82
N TYR A 445 28.32 0.13 -9.58
CA TYR A 445 28.44 1.48 -9.01
C TYR A 445 27.55 2.48 -9.72
N VAL A 446 27.08 3.47 -8.96
CA VAL A 446 26.26 4.59 -9.44
C VAL A 446 26.85 5.90 -8.91
N THR A 447 26.92 6.93 -9.77
CA THR A 447 27.38 8.25 -9.33
C THR A 447 26.23 9.24 -9.35
N ARG A 448 26.21 10.14 -8.36
CA ARG A 448 25.25 11.23 -8.30
C ARG A 448 26.01 12.53 -8.04
N TYR A 449 25.79 13.54 -8.91
CA TYR A 449 26.53 14.78 -8.87
C TYR A 449 25.57 15.97 -8.77
N LEU A 450 25.95 16.94 -7.94
CA LEU A 450 25.18 18.16 -7.73
C LEU A 450 26.08 19.36 -7.88
N ASP A 451 25.71 20.30 -8.75
CA ASP A 451 26.33 21.63 -8.72
C ASP A 451 25.32 22.70 -9.17
N ASN A 452 25.75 23.96 -9.13
CA ASN A 452 24.85 25.09 -9.42
C ASN A 452 24.51 25.19 -10.89
N GLY A 453 25.34 24.60 -11.76
CA GLY A 453 25.10 24.61 -13.19
C GLY A 453 23.94 23.72 -13.59
N LEU A 454 23.91 22.52 -13.03
CA LEU A 454 22.92 21.54 -13.44
C LEU A 454 21.74 21.38 -12.46
N CYS A 455 21.96 21.68 -11.18
CA CYS A 455 21.00 21.28 -10.16
C CYS A 455 20.59 22.43 -9.23
N SER A 456 20.28 23.59 -9.80
CA SER A 456 19.85 24.75 -8.99
C SER A 456 18.49 25.26 -9.44
N PRO A 457 17.42 24.87 -8.71
CA PRO A 457 16.12 25.46 -8.96
C PRO A 457 16.11 27.00 -8.91
N ASP A 458 16.89 27.59 -8.02
CA ASP A 458 17.06 29.06 -7.99
C ASP A 458 17.67 29.58 -9.30
N GLY A 459 18.67 28.89 -9.81
CA GLY A 459 19.24 29.20 -11.13
C GLY A 459 18.17 29.20 -12.22
N GLU A 460 17.32 28.18 -12.24
CA GLU A 460 16.27 28.08 -13.25
C GLU A 460 15.28 29.23 -13.09
N TRP A 461 14.97 29.57 -11.84
CA TRP A 461 14.05 30.66 -11.53
C TRP A 461 14.60 31.98 -12.05
N ARG A 462 15.87 32.25 -11.80
CA ARG A 462 16.51 33.49 -12.26
C ARG A 462 16.60 33.54 -13.80
N ARG A 463 16.82 32.40 -14.43
CA ARG A 463 16.85 32.29 -15.90
C ARG A 463 15.49 32.56 -16.56
N LEU A 464 14.41 32.28 -15.85
CA LEU A 464 13.04 32.60 -16.30
C LEU A 464 12.63 34.04 -15.94
N GLY A 465 13.50 34.81 -15.32
CA GLY A 465 13.21 36.20 -14.96
C GLY A 465 12.61 36.41 -13.57
N ARG A 466 12.87 35.46 -12.66
CA ARG A 466 12.39 35.55 -11.28
C ARG A 466 10.89 35.86 -11.16
N PRO A 467 10.04 35.12 -11.88
CA PRO A 467 8.60 35.40 -11.76
C PRO A 467 8.11 35.24 -10.33
N VAL A 468 7.36 36.23 -9.84
CA VAL A 468 6.84 36.21 -8.47
C VAL A 468 5.72 35.16 -8.36
N PHE A 469 4.91 35.02 -9.41
CA PHE A 469 3.91 33.95 -9.52
C PHE A 469 4.22 33.08 -10.72
N PRO A 470 5.13 32.09 -10.53
CA PRO A 470 5.46 31.24 -11.67
C PRO A 470 4.23 30.45 -12.16
N THR A 471 4.21 30.20 -13.46
CA THR A 471 3.13 29.40 -14.07
C THR A 471 3.41 27.93 -13.80
N ALA A 472 2.46 27.08 -14.13
CA ALA A 472 2.61 25.64 -13.98
C ALA A 472 3.85 25.13 -14.70
N GLU A 473 4.03 25.58 -15.93
CA GLU A 473 5.14 25.18 -16.76
C GLU A 473 6.46 25.65 -16.18
N GLN A 474 6.48 26.87 -15.63
CA GLN A 474 7.68 27.43 -15.04
C GLN A 474 8.11 26.63 -13.81
N PHE A 475 7.13 26.26 -12.98
CA PHE A 475 7.36 25.35 -11.84
C PHE A 475 7.95 24.00 -12.27
N ARG A 476 7.44 23.44 -13.35
CA ARG A 476 8.01 22.19 -13.90
C ARG A 476 9.50 22.36 -14.25
N ARG A 477 9.85 23.49 -14.85
CA ARG A 477 11.24 23.71 -15.28
C ARG A 477 12.18 23.88 -14.09
N MET A 478 11.70 24.53 -13.04
CA MET A 478 12.47 24.68 -11.80
C MET A 478 12.68 23.35 -11.08
N ARG A 479 11.62 22.53 -11.03
CA ARG A 479 11.68 21.26 -10.31
C ARG A 479 12.59 20.26 -11.01
N ALA A 480 12.75 20.43 -12.32
CA ALA A 480 13.62 19.56 -13.09
C ALA A 480 15.08 19.66 -12.65
N ALA A 481 15.42 20.74 -11.95
CA ALA A 481 16.79 20.92 -11.45
C ALA A 481 16.97 20.46 -9.99
N GLU A 482 15.95 19.84 -9.38
CA GLU A 482 16.04 19.46 -7.95
C GLU A 482 16.99 18.28 -7.71
N ASP A 483 16.92 17.27 -8.57
CA ASP A 483 17.64 16.02 -8.34
C ASP A 483 19.08 16.10 -8.81
N PRO A 484 19.95 15.25 -8.23
CA PRO A 484 21.32 15.18 -8.75
C PRO A 484 21.34 14.61 -10.16
N VAL A 485 22.44 14.84 -10.88
CA VAL A 485 22.69 14.15 -12.15
C VAL A 485 23.16 12.75 -11.80
N ALA A 486 22.42 11.74 -12.25
CA ALA A 486 22.73 10.34 -11.91
C ALA A 486 23.18 9.57 -13.15
N ALA A 487 24.27 8.81 -13.03
CA ALA A 487 24.71 7.89 -14.07
C ALA A 487 24.19 6.49 -13.76
N ALA A 488 23.60 5.84 -14.75
CA ALA A 488 23.05 4.49 -14.62
C ALA A 488 24.07 3.52 -14.03
N PRO A 489 23.60 2.48 -13.32
CA PRO A 489 24.51 1.49 -12.73
C PRO A 489 25.45 0.86 -13.76
N ARG A 490 26.73 0.81 -13.42
CA ARG A 490 27.74 0.15 -14.21
C ARG A 490 28.39 -0.97 -13.40
N PRO A 491 28.75 -2.09 -14.05
CA PRO A 491 29.37 -3.17 -13.32
C PRO A 491 30.78 -2.81 -12.85
N LEU A 492 31.12 -3.19 -11.63
CA LEU A 492 32.42 -2.89 -11.06
C LEU A 492 33.48 -3.81 -11.66
N PRO A 493 34.67 -3.26 -12.01
CA PRO A 493 35.78 -4.10 -12.44
C PRO A 493 36.17 -5.18 -11.42
N ALA A 494 36.65 -6.32 -11.90
CA ALA A 494 37.17 -7.37 -11.01
C ALA A 494 38.38 -6.87 -10.24
N GLY A 495 38.62 -7.50 -9.09
CA GLY A 495 39.67 -7.10 -8.16
C GLY A 495 39.21 -6.07 -7.12
N GLY A 496 37.93 -5.70 -7.15
CA GLY A 496 37.37 -4.74 -6.23
C GLY A 496 37.96 -3.33 -6.24
N ARG A 497 38.33 -2.85 -7.43
CA ARG A 497 39.00 -1.55 -7.58
C ARG A 497 38.37 -0.71 -8.67
N LEU A 498 38.39 0.60 -8.47
CA LEU A 498 37.78 1.54 -9.39
C LEU A 498 38.46 2.90 -9.27
N THR A 499 38.86 3.45 -10.42
CA THR A 499 39.44 4.77 -10.50
C THR A 499 38.55 5.66 -11.33
N LEU A 500 38.09 6.77 -10.74
CA LEU A 500 37.29 7.75 -11.45
C LEU A 500 38.07 9.04 -11.51
N ARG A 501 37.79 9.86 -12.51
CA ARG A 501 38.47 11.13 -12.70
C ARG A 501 37.43 12.24 -12.96
N PRO A 502 36.61 12.55 -11.97
CA PRO A 502 35.62 13.62 -12.21
C PRO A 502 36.23 15.04 -12.17
N ALA A 503 35.66 15.93 -12.95
CA ALA A 503 35.83 17.37 -12.74
C ALA A 503 34.70 17.85 -11.82
N LEU A 504 35.03 18.44 -10.69
CA LEU A 504 34.03 18.94 -9.74
C LEU A 504 34.02 20.47 -9.67
N ARG A 505 32.86 21.11 -9.66
CA ARG A 505 32.81 22.55 -9.45
C ARG A 505 32.88 22.89 -7.97
N LEU A 506 33.12 24.16 -7.68
CA LEU A 506 33.04 24.69 -6.34
C LEU A 506 31.94 25.74 -6.34
N PRO A 507 30.77 25.42 -5.75
CA PRO A 507 30.56 24.21 -4.94
C PRO A 507 30.07 22.99 -5.72
N SER A 508 30.26 21.80 -5.14
CA SER A 508 29.63 20.57 -5.63
C SER A 508 29.73 19.43 -4.64
N LEU A 509 28.82 18.47 -4.84
CA LEU A 509 28.84 17.21 -4.14
C LEU A 509 28.86 16.05 -5.15
N LEU A 510 29.65 15.03 -4.84
CA LEU A 510 29.65 13.78 -5.64
C LEU A 510 29.51 12.60 -4.71
N LEU A 511 28.47 11.81 -4.91
CA LEU A 511 28.30 10.56 -4.18
C LEU A 511 28.55 9.38 -5.11
N VAL A 512 29.48 8.52 -4.73
CA VAL A 512 29.76 7.29 -5.46
C VAL A 512 29.24 6.15 -4.60
N HIS A 513 28.32 5.38 -5.16
CA HIS A 513 27.60 4.32 -4.44
C HIS A 513 27.97 2.99 -5.07
N VAL A 514 28.53 2.08 -4.28
CA VAL A 514 28.94 0.78 -4.76
C VAL A 514 28.16 -0.29 -4.00
N CYS A 515 27.45 -1.12 -4.73
CA CYS A 515 26.52 -2.09 -4.15
C CYS A 515 26.71 -3.49 -4.74
N ALA A 516 26.73 -4.46 -3.83
CA ALA A 516 26.56 -5.86 -4.19
C ALA A 516 25.05 -6.16 -4.26
N ARG A 517 24.69 -7.19 -5.01
CA ARG A 517 23.31 -7.48 -5.34
C ARG A 517 22.66 -8.35 -4.27
N PRO A 518 21.66 -7.81 -3.55
CA PRO A 518 20.96 -8.62 -2.56
C PRO A 518 20.25 -9.79 -3.22
N GLU A 519 20.07 -10.88 -2.47
CA GLU A 519 19.46 -12.09 -3.01
C GLU A 519 18.02 -11.79 -3.45
N LYS A 520 17.28 -11.10 -2.59
CA LYS A 520 15.88 -10.79 -2.85
C LYS A 520 15.68 -9.38 -3.38
N PRO A 521 14.57 -9.13 -4.10
CA PRO A 521 14.30 -7.77 -4.58
C PRO A 521 13.80 -6.84 -3.46
N PRO A 522 13.69 -5.53 -3.76
CA PRO A 522 13.26 -4.58 -2.74
C PRO A 522 11.92 -4.93 -2.08
N GLY A 523 11.72 -4.43 -0.87
CA GLY A 523 10.46 -4.55 -0.16
C GLY A 523 9.47 -3.50 -0.63
N GLN A 524 8.36 -3.39 0.10
CA GLN A 524 7.20 -2.63 -0.34
C GLN A 524 7.25 -1.19 0.15
N VAL A 525 6.94 -0.25 -0.75
CA VAL A 525 6.66 1.14 -0.37
C VAL A 525 5.40 1.16 0.47
N THR A 526 5.39 1.98 1.53
CA THR A 526 4.22 2.08 2.40
C THR A 526 3.83 3.53 2.66
N ARG A 527 2.65 3.71 3.25
CA ARG A 527 2.12 5.00 3.69
C ARG A 527 2.06 6.01 2.56
N LEU A 528 1.67 5.57 1.37
CA LEU A 528 1.48 6.48 0.27
C LEU A 528 0.38 7.47 0.65
N ARG A 529 0.58 8.75 0.36
CA ARG A 529 -0.52 9.72 0.51
C ARG A 529 -0.38 10.87 -0.48
N ALA A 530 -1.49 11.55 -0.73
CA ALA A 530 -1.54 12.62 -1.70
C ALA A 530 -1.95 13.89 -0.99
N LEU A 531 -1.21 14.96 -1.22
CA LEU A 531 -1.55 16.29 -0.70
C LEU A 531 -1.95 17.18 -1.90
N PRO A 532 -3.20 17.67 -1.92
CA PRO A 532 -3.62 18.59 -2.99
C PRO A 532 -2.82 19.88 -3.04
N LEU A 533 -2.41 20.32 -4.22
CA LEU A 533 -1.71 21.60 -4.36
C LEU A 533 -2.66 22.65 -4.91
N THR A 534 -3.26 22.34 -6.05
CA THR A 534 -4.21 23.21 -6.71
C THR A 534 -4.86 22.41 -7.81
N GLN A 535 -5.81 22.99 -8.52
CA GLN A 535 -6.48 22.25 -9.60
C GLN A 535 -5.42 21.65 -10.51
N GLY A 536 -5.49 20.33 -10.71
CA GLY A 536 -4.59 19.64 -11.63
C GLY A 536 -3.18 19.36 -11.12
N GLN A 537 -2.96 19.57 -9.82
CA GLN A 537 -1.65 19.34 -9.22
C GLN A 537 -1.75 18.77 -7.81
N LEU A 538 -0.91 17.79 -7.51
CA LEU A 538 -0.85 17.21 -6.17
C LEU A 538 0.55 16.72 -5.84
N VAL A 539 0.82 16.60 -4.55
CA VAL A 539 2.05 15.99 -4.05
C VAL A 539 1.75 14.55 -3.68
N LEU A 540 2.57 13.62 -4.16
CA LEU A 540 2.61 12.25 -3.65
C LEU A 540 3.80 12.08 -2.73
N VAL A 541 3.59 11.50 -1.55
CA VAL A 541 4.65 11.24 -0.59
C VAL A 541 4.45 9.84 0.02
N TRP A 542 5.56 9.19 0.40
CA TRP A 542 5.50 7.81 0.89
C TRP A 542 6.66 7.49 1.83
N SER A 543 6.61 6.31 2.45
CA SER A 543 7.68 5.81 3.34
C SER A 543 8.49 4.72 2.65
N ASP A 544 9.80 4.69 2.92
CA ASP A 544 10.70 3.64 2.46
C ASP A 544 11.12 2.71 3.61
N GLU A 545 10.37 2.73 4.71
CA GLU A 545 10.73 1.99 5.92
C GLU A 545 10.88 0.48 5.70
N HIS A 546 10.09 -0.10 4.79
CA HIS A 546 10.16 -1.54 4.51
C HIS A 546 10.84 -1.90 3.20
N VAL A 547 11.50 -0.93 2.55
CA VAL A 547 12.11 -1.21 1.24
C VAL A 547 13.34 -2.10 1.39
N GLY A 548 14.01 -2.01 2.53
CA GLY A 548 15.13 -2.89 2.82
C GLY A 548 16.40 -2.17 2.47
N SER A 549 16.75 -2.19 1.19
CA SER A 549 18.05 -1.72 0.73
C SER A 549 18.09 -0.27 0.26
N LYS A 550 19.28 0.31 0.34
CA LYS A 550 19.55 1.65 -0.13
C LYS A 550 19.96 1.68 -1.61
N CYS A 551 20.07 0.53 -2.27
CA CYS A 551 20.58 0.49 -3.64
C CYS A 551 19.41 0.68 -4.62
N LEU A 552 18.85 1.89 -4.57
CA LEU A 552 17.65 2.23 -5.33
C LEU A 552 17.93 3.26 -6.42
N TRP A 553 17.43 2.97 -7.62
CA TRP A 553 17.57 3.84 -8.77
C TRP A 553 16.45 4.89 -8.79
N THR A 554 15.22 4.45 -8.58
CA THR A 554 14.09 5.34 -8.62
C THR A 554 12.89 4.70 -7.94
N TYR A 555 11.82 5.47 -7.81
CA TYR A 555 10.51 4.98 -7.46
C TYR A 555 9.62 5.14 -8.69
N GLU A 556 9.15 4.02 -9.20
CA GLU A 556 8.24 4.02 -10.33
C GLU A 556 6.85 4.36 -9.81
N ILE A 557 6.26 5.45 -10.32
CA ILE A 557 4.93 5.86 -9.95
C ILE A 557 3.98 5.47 -11.09
N GLN A 558 2.80 4.96 -10.72
CA GLN A 558 1.74 4.64 -11.69
C GLN A 558 0.41 5.32 -11.35
N PHE A 559 -0.29 5.74 -12.41
CA PHE A 559 -1.55 6.47 -12.28
C PHE A 559 -2.62 5.76 -13.09
N SER A 560 -3.78 5.52 -12.47
CA SER A 560 -4.95 4.96 -13.15
C SER A 560 -6.07 6.00 -13.14
N GLN A 561 -6.47 6.49 -14.31
CA GLN A 561 -7.42 7.60 -14.45
C GLN A 561 -8.89 7.21 -14.26
N ALA A 565 -6.19 1.87 -17.51
CA ALA A 565 -5.66 1.39 -16.22
C ALA A 565 -4.27 1.97 -15.97
N TYR A 566 -3.50 1.33 -15.11
CA TYR A 566 -2.26 1.93 -14.61
C TYR A 566 -1.23 2.12 -15.70
N THR A 567 -0.69 3.34 -15.79
CA THR A 567 0.39 3.66 -16.70
C THR A 567 1.49 4.36 -15.92
N PRO A 568 2.76 4.08 -16.26
CA PRO A 568 3.84 4.78 -15.56
C PRO A 568 3.79 6.29 -15.80
N VAL A 569 4.11 7.05 -14.77
CA VAL A 569 4.34 8.47 -14.91
C VAL A 569 5.83 8.61 -15.17
N SER A 570 6.19 8.79 -16.43
CA SER A 570 7.57 8.93 -16.83
C SER A 570 8.18 10.15 -16.21
N ARG A 571 9.39 9.98 -15.68
CA ARG A 571 10.12 11.03 -15.03
C ARG A 571 11.56 10.58 -14.87
N LYS A 572 12.46 11.55 -14.70
CA LYS A 572 13.87 11.25 -14.47
C LYS A 572 14.02 10.52 -13.14
N PRO A 573 15.07 9.70 -13.00
CA PRO A 573 15.27 8.95 -11.76
C PRO A 573 15.35 9.84 -10.52
N SER A 574 14.76 9.39 -9.42
CA SER A 574 14.78 10.11 -8.15
C SER A 574 14.53 9.15 -7.01
N THR A 575 15.34 9.23 -5.97
CA THR A 575 15.13 8.44 -4.75
C THR A 575 14.49 9.27 -3.63
N PHE A 576 14.25 10.54 -3.87
CA PHE A 576 13.56 11.37 -2.88
C PHE A 576 12.11 10.90 -2.75
N ASN A 577 11.61 10.76 -1.53
CA ASN A 577 10.31 10.07 -1.30
C ASN A 577 9.10 11.00 -1.46
N LEU A 578 9.14 11.84 -2.48
CA LEU A 578 8.07 12.79 -2.74
C LEU A 578 8.16 13.19 -4.22
N PHE A 579 7.00 13.33 -4.85
CA PHE A 579 6.92 13.74 -6.26
C PHE A 579 5.68 14.62 -6.45
N VAL A 580 5.87 15.74 -7.16
CA VAL A 580 4.76 16.62 -7.50
C VAL A 580 4.21 16.16 -8.85
N PHE A 581 2.94 15.81 -8.89
CA PHE A 581 2.31 15.41 -10.15
C PHE A 581 1.56 16.61 -10.71
N SER A 582 1.98 17.04 -11.89
CA SER A 582 1.45 18.22 -12.54
C SER A 582 1.39 17.97 -14.04
N PRO A 583 0.51 17.06 -14.47
CA PRO A 583 0.47 16.71 -15.88
C PRO A 583 -0.06 17.87 -16.73
N ASP A 584 0.32 17.90 -18.02
CA ASP A 584 -0.11 18.96 -18.92
C ASP A 584 -1.60 19.09 -18.96
N THR A 585 -2.30 17.96 -18.88
CA THR A 585 -3.74 17.91 -19.06
C THR A 585 -4.53 18.37 -17.85
N GLY A 586 -3.87 18.48 -16.70
CA GLY A 586 -4.57 18.75 -15.45
C GLY A 586 -5.51 17.63 -15.04
N ALA A 587 -5.26 16.42 -15.55
CA ALA A 587 -6.09 15.25 -15.24
C ALA A 587 -5.40 14.45 -14.13
N VAL A 588 -5.85 14.65 -12.90
CA VAL A 588 -5.23 14.03 -11.73
C VAL A 588 -6.18 13.13 -10.94
N SER A 589 -7.45 13.08 -11.34
CA SER A 589 -8.42 12.20 -10.68
C SER A 589 -8.24 10.73 -11.09
N GLY A 590 -8.19 9.85 -10.10
CA GLY A 590 -7.88 8.45 -10.32
C GLY A 590 -7.18 7.89 -9.10
N SER A 591 -6.30 6.91 -9.30
CA SER A 591 -5.57 6.30 -8.19
C SER A 591 -4.08 6.15 -8.51
N TYR A 592 -3.25 6.19 -7.47
CA TYR A 592 -1.80 6.18 -7.61
C TYR A 592 -1.19 5.05 -6.81
N ARG A 593 -0.06 4.53 -7.30
CA ARG A 593 0.71 3.54 -6.56
C ARG A 593 2.19 3.67 -6.88
N VAL A 594 3.02 3.28 -5.93
CA VAL A 594 4.45 3.48 -6.02
C VAL A 594 5.22 2.24 -5.59
N ARG A 595 6.32 1.94 -6.28
CA ARG A 595 7.22 0.86 -5.91
C ARG A 595 8.69 1.25 -6.16
N ALA A 596 9.57 0.62 -5.40
CA ALA A 596 10.99 0.82 -5.55
C ALA A 596 11.53 0.05 -6.75
N LEU A 597 12.53 0.63 -7.40
CA LEU A 597 13.27 -0.08 -8.46
C LEU A 597 14.75 -0.04 -8.11
N ASP A 598 15.39 -1.21 -8.01
CA ASP A 598 16.80 -1.28 -7.60
C ASP A 598 17.79 -1.15 -8.77
N TYR A 599 19.08 -1.18 -8.45
CA TYR A 599 20.16 -1.00 -9.43
C TYR A 599 20.25 -2.12 -10.47
N TRP A 600 19.54 -3.22 -10.26
CA TRP A 600 19.53 -4.38 -11.18
C TRP A 600 18.17 -4.53 -11.86
N ALA A 601 17.41 -3.43 -11.92
CA ALA A 601 16.13 -3.33 -12.61
C ALA A 601 15.03 -4.22 -12.00
N ARG A 602 15.20 -4.63 -10.75
CA ARG A 602 14.17 -5.42 -10.07
C ARG A 602 13.22 -4.51 -9.27
N PRO A 603 11.90 -4.63 -9.50
CA PRO A 603 10.91 -3.90 -8.72
C PRO A 603 10.57 -4.56 -7.39
N GLY A 604 10.24 -3.74 -6.39
CA GLY A 604 9.60 -4.22 -5.17
C GLY A 604 8.10 -4.29 -5.40
N PRO A 605 7.34 -4.83 -4.44
CA PRO A 605 5.88 -4.78 -4.55
C PRO A 605 5.33 -3.36 -4.50
N PHE A 606 4.26 -3.10 -5.25
CA PHE A 606 3.60 -1.79 -5.21
C PHE A 606 3.01 -1.53 -3.85
N SER A 607 3.03 -0.26 -3.44
CA SER A 607 2.35 0.17 -2.25
C SER A 607 0.87 -0.09 -2.42
N ASP A 608 0.12 -0.10 -1.33
CA ASP A 608 -1.33 -0.03 -1.44
C ASP A 608 -1.63 1.28 -2.16
N PRO A 609 -2.60 1.28 -3.09
CA PRO A 609 -2.87 2.50 -3.86
C PRO A 609 -3.67 3.56 -3.09
N VAL A 610 -3.59 4.80 -3.56
CA VAL A 610 -4.29 5.92 -2.95
C VAL A 610 -5.16 6.62 -4.00
N PRO A 611 -6.44 6.87 -3.64
CA PRO A 611 -7.39 7.49 -4.55
C PRO A 611 -7.37 9.01 -4.44
N TYR A 612 -7.76 9.67 -5.52
CA TYR A 612 -7.77 11.14 -5.56
C TYR A 612 -8.96 11.57 -6.41
N LEU A 613 -9.84 12.43 -5.89
CA LEU A 613 -11.04 12.85 -6.63
C LEU A 613 -11.21 14.37 -6.56
N GLU A 614 -11.09 15.03 -7.72
CA GLU A 614 -11.40 16.45 -7.83
C GLU A 614 -12.91 16.59 -8.14
N VAL A 615 -13.58 17.46 -7.40
CA VAL A 615 -15.02 17.64 -7.50
C VAL A 615 -15.36 19.11 -7.83
N PRO A 616 -15.87 19.37 -9.06
CA PRO A 616 -16.36 20.73 -9.36
C PRO A 616 -17.43 21.20 -8.38
N ALA B 2 -46.68 -31.92 4.44
CA ALA B 2 -45.87 -32.23 5.65
C ALA B 2 -44.47 -31.63 5.54
N PRO B 3 -43.77 -31.50 6.67
CA PRO B 3 -42.45 -30.86 6.64
C PRO B 3 -41.40 -31.64 5.86
N HIS B 4 -40.37 -30.95 5.37
CA HIS B 4 -39.14 -31.63 4.94
C HIS B 4 -38.24 -31.77 6.16
N LEU B 5 -37.84 -33.01 6.43
CA LEU B 5 -36.85 -33.29 7.46
C LEU B 5 -35.46 -33.34 6.81
N VAL B 6 -34.53 -32.60 7.38
CA VAL B 6 -33.14 -32.53 6.92
C VAL B 6 -32.27 -32.95 8.10
N GLN B 7 -31.66 -34.13 7.99
CA GLN B 7 -30.81 -34.67 9.03
C GLN B 7 -29.36 -34.50 8.63
N VAL B 8 -28.53 -34.06 9.58
CA VAL B 8 -27.11 -33.91 9.32
C VAL B 8 -26.36 -34.55 10.48
N ASP B 9 -25.42 -35.42 10.16
CA ASP B 9 -24.61 -36.10 11.17
C ASP B 9 -23.17 -35.60 11.12
N ALA B 10 -22.86 -34.69 12.03
CA ALA B 10 -21.54 -34.07 12.11
C ALA B 10 -20.44 -35.02 12.60
N ALA B 11 -20.81 -36.21 13.08
CA ALA B 11 -19.81 -37.21 13.46
C ALA B 11 -19.44 -38.09 12.27
N ARG B 12 -20.05 -37.84 11.12
CA ARG B 12 -19.92 -38.74 9.97
C ARG B 12 -19.44 -37.98 8.74
N ALA B 13 -18.15 -37.66 8.72
CA ALA B 13 -17.49 -37.09 7.54
C ALA B 13 -17.16 -38.20 6.56
N LEU B 14 -17.71 -38.11 5.35
CA LEU B 14 -17.71 -39.19 4.38
C LEU B 14 -16.50 -39.19 3.43
N TRP B 15 -16.19 -38.00 2.91
CA TRP B 15 -15.15 -37.84 1.90
C TRP B 15 -14.87 -36.35 1.69
N PRO B 16 -13.82 -36.02 0.94
CA PRO B 16 -13.55 -34.61 0.68
C PRO B 16 -14.65 -33.91 -0.10
N LEU B 17 -14.77 -32.61 0.12
CA LEU B 17 -15.62 -31.74 -0.66
C LEU B 17 -14.70 -30.68 -1.26
N ARG B 18 -14.49 -30.74 -2.56
CA ARG B 18 -13.79 -29.70 -3.30
C ARG B 18 -14.75 -28.56 -3.64
N ARG B 19 -14.23 -27.35 -3.54
CA ARG B 19 -14.93 -26.17 -4.00
C ARG B 19 -14.70 -26.00 -5.52
N PHE B 20 -15.44 -26.80 -6.28
CA PHE B 20 -15.20 -26.94 -7.72
C PHE B 20 -15.93 -25.89 -8.57
N TRP B 21 -16.67 -24.99 -7.94
CA TRP B 21 -17.58 -24.07 -8.60
C TRP B 21 -17.08 -22.63 -8.62
N ARG B 22 -15.83 -22.41 -8.26
CA ARG B 22 -15.36 -21.06 -7.96
C ARG B 22 -14.85 -20.32 -9.18
N SER B 23 -15.75 -20.13 -10.15
CA SER B 23 -15.39 -19.59 -11.45
C SER B 23 -16.56 -18.77 -12.00
N THR B 24 -16.22 -17.72 -12.74
CA THR B 24 -17.19 -16.99 -13.54
C THR B 24 -16.50 -16.68 -14.88
N GLY B 25 -17.19 -15.94 -15.75
CA GLY B 25 -16.60 -15.53 -17.00
C GLY B 25 -17.47 -14.55 -17.76
N PHE B 26 -16.90 -13.97 -18.82
CA PHE B 26 -17.63 -13.03 -19.67
C PHE B 26 -16.89 -12.80 -20.99
N CYS B 27 -17.61 -12.15 -21.90
CA CYS B 27 -17.13 -11.79 -23.21
C CYS B 27 -17.23 -10.28 -23.34
N PRO B 28 -16.11 -9.60 -23.61
CA PRO B 28 -16.24 -8.16 -23.86
C PRO B 28 -16.93 -7.92 -25.20
N PRO B 29 -17.77 -6.86 -25.29
CA PRO B 29 -18.58 -6.62 -26.50
C PRO B 29 -17.78 -6.05 -27.69
N PRO B 37 -10.89 0.57 -24.31
CA PRO B 37 -10.72 -0.87 -24.06
C PRO B 37 -11.63 -1.35 -22.91
N TYR B 38 -12.72 -2.05 -23.27
CA TYR B 38 -13.81 -2.40 -22.36
C TYR B 38 -13.31 -3.02 -21.05
N VAL B 39 -12.41 -3.99 -21.15
CA VAL B 39 -11.92 -4.72 -19.98
C VAL B 39 -11.10 -3.87 -19.00
N LEU B 40 -10.66 -2.68 -19.45
CA LEU B 40 -9.93 -1.73 -18.60
C LEU B 40 -10.79 -0.55 -18.10
N SER B 41 -12.05 -0.50 -18.53
CA SER B 41 -12.96 0.58 -18.11
C SER B 41 -13.20 0.60 -16.60
N TRP B 42 -13.67 1.74 -16.10
CA TRP B 42 -14.02 1.87 -14.69
C TRP B 42 -15.10 0.86 -14.31
N ASP B 43 -16.03 0.63 -15.24
CA ASP B 43 -17.13 -0.31 -15.05
C ASP B 43 -16.57 -1.68 -14.69
N GLN B 44 -15.61 -2.14 -15.49
CA GLN B 44 -14.97 -3.44 -15.30
C GLN B 44 -14.13 -3.48 -14.03
N GLN B 45 -13.49 -2.36 -13.70
CA GLN B 45 -12.71 -2.27 -12.47
C GLN B 45 -13.61 -2.44 -11.24
N LEU B 46 -14.78 -1.81 -11.25
CA LEU B 46 -15.75 -1.99 -10.17
C LEU B 46 -16.27 -3.42 -10.16
N ASN B 47 -16.60 -3.96 -11.33
CA ASN B 47 -17.14 -5.31 -11.44
C ASN B 47 -16.21 -6.34 -10.79
N LEU B 48 -14.93 -6.34 -11.17
CA LEU B 48 -14.00 -7.32 -10.65
C LEU B 48 -13.69 -7.10 -9.17
N ALA B 49 -13.89 -5.88 -8.66
CA ALA B 49 -13.79 -5.64 -7.23
C ALA B 49 -14.92 -6.38 -6.51
N TYR B 50 -16.13 -6.33 -7.06
CA TYR B 50 -17.26 -7.10 -6.52
C TYR B 50 -16.99 -8.60 -6.62
N VAL B 51 -16.49 -9.07 -7.76
CA VAL B 51 -16.19 -10.49 -7.94
C VAL B 51 -15.13 -11.00 -6.94
N GLY B 52 -14.07 -10.22 -6.74
CA GLY B 52 -13.01 -10.57 -5.81
C GLY B 52 -13.37 -10.40 -4.36
N ALA B 53 -14.45 -9.70 -4.08
CA ALA B 53 -14.91 -9.47 -2.69
C ALA B 53 -15.73 -10.64 -2.09
N VAL B 54 -16.07 -11.65 -2.89
CA VAL B 54 -16.68 -12.86 -2.34
C VAL B 54 -15.69 -13.43 -1.32
N PRO B 55 -16.13 -13.67 -0.08
CA PRO B 55 -15.17 -14.09 0.94
C PRO B 55 -14.54 -15.45 0.69
N HIS B 56 -13.36 -15.63 1.25
CA HIS B 56 -12.63 -16.91 1.25
C HIS B 56 -12.36 -17.47 -0.14
N ARG B 57 -12.01 -16.56 -1.05
CA ARG B 57 -11.73 -16.90 -2.46
C ARG B 57 -12.91 -17.65 -3.12
N GLY B 58 -14.13 -17.26 -2.76
CA GLY B 58 -15.34 -17.90 -3.26
C GLY B 58 -15.50 -17.84 -4.77
N ILE B 59 -14.88 -16.86 -5.43
CA ILE B 59 -14.68 -16.89 -6.87
C ILE B 59 -13.20 -16.68 -7.15
N LYS B 60 -12.61 -17.57 -7.94
CA LYS B 60 -11.15 -17.65 -8.12
C LYS B 60 -10.73 -17.35 -9.57
N GLN B 61 -11.52 -17.84 -10.54
CA GLN B 61 -11.23 -17.73 -11.97
C GLN B 61 -12.24 -16.84 -12.70
N VAL B 62 -11.76 -16.01 -13.62
CA VAL B 62 -12.61 -15.25 -14.56
C VAL B 62 -12.24 -15.65 -15.99
N ARG B 63 -13.08 -16.51 -16.57
CA ARG B 63 -12.87 -16.99 -17.92
C ARG B 63 -13.22 -15.89 -18.89
N THR B 64 -12.19 -15.33 -19.54
CA THR B 64 -12.32 -14.11 -20.32
C THR B 64 -12.06 -14.32 -21.82
N HIS B 65 -13.08 -14.04 -22.65
CA HIS B 65 -12.93 -14.09 -24.12
C HIS B 65 -12.07 -12.94 -24.64
N TRP B 66 -11.49 -13.15 -25.82
CA TRP B 66 -10.79 -12.10 -26.59
C TRP B 66 -9.53 -11.49 -25.92
N LEU B 67 -8.84 -12.29 -25.12
CA LEU B 67 -7.59 -11.82 -24.49
C LEU B 67 -6.54 -11.43 -25.51
N LEU B 68 -6.47 -12.18 -26.61
CA LEU B 68 -5.44 -11.92 -27.62
C LEU B 68 -5.85 -10.87 -28.66
N GLU B 69 -6.94 -10.16 -28.39
CA GLU B 69 -7.22 -8.89 -29.06
C GLU B 69 -6.66 -7.72 -28.23
N LEU B 70 -6.06 -8.01 -27.07
CA LEU B 70 -5.42 -6.97 -26.26
C LEU B 70 -3.91 -6.92 -26.53
N VAL B 71 -3.46 -7.67 -27.52
CA VAL B 71 -2.09 -7.66 -28.00
C VAL B 71 -2.06 -7.09 -29.43
N THR B 72 -1.10 -6.23 -29.73
CA THR B 72 -0.86 -5.76 -31.10
C THR B 72 0.52 -6.23 -31.56
N THR B 73 0.77 -6.19 -32.89
CA THR B 73 2.04 -6.64 -33.47
C THR B 73 2.74 -5.58 -34.30
N LEU B 81 8.98 -10.33 -35.86
CA LEU B 81 7.68 -9.93 -35.32
C LEU B 81 7.76 -9.61 -33.82
N SER B 82 7.30 -8.43 -33.45
CA SER B 82 7.25 -8.00 -32.05
C SER B 82 5.79 -7.86 -31.59
N TYR B 83 5.59 -7.87 -30.28
CA TYR B 83 4.25 -7.78 -29.69
C TYR B 83 4.21 -6.70 -28.63
N ASN B 84 3.16 -5.89 -28.67
CA ASN B 84 2.85 -4.93 -27.61
C ASN B 84 1.79 -5.58 -26.73
N PHE B 85 2.15 -5.84 -25.46
CA PHE B 85 1.28 -6.53 -24.52
C PHE B 85 0.58 -5.56 -23.55
N THR B 86 0.68 -4.25 -23.82
CA THR B 86 0.27 -3.22 -22.86
C THR B 86 -1.14 -3.44 -22.33
N HIS B 87 -2.10 -3.64 -23.21
CA HIS B 87 -3.49 -3.80 -22.79
C HIS B 87 -3.69 -5.08 -21.98
N LEU B 88 -3.08 -6.17 -22.44
CA LEU B 88 -3.16 -7.46 -21.75
C LEU B 88 -2.55 -7.37 -20.36
N ASP B 89 -1.39 -6.71 -20.24
CA ASP B 89 -0.77 -6.42 -18.94
C ASP B 89 -1.79 -5.74 -18.00
N GLY B 90 -2.49 -4.72 -18.52
CA GLY B 90 -3.48 -3.97 -17.77
C GLY B 90 -4.62 -4.85 -17.24
N TYR B 91 -5.11 -5.75 -18.09
CA TYR B 91 -6.22 -6.60 -17.67
C TYR B 91 -5.77 -7.64 -16.65
N LEU B 92 -4.64 -8.31 -16.91
CA LEU B 92 -4.16 -9.36 -16.01
C LEU B 92 -3.74 -8.78 -14.66
N ASP B 93 -3.19 -7.56 -14.67
CA ASP B 93 -2.85 -6.87 -13.42
C ASP B 93 -4.12 -6.57 -12.62
N LEU B 94 -5.20 -6.22 -13.31
CA LEU B 94 -6.49 -5.97 -12.67
C LEU B 94 -7.08 -7.25 -12.01
N LEU B 95 -7.00 -8.37 -12.70
CA LEU B 95 -7.38 -9.67 -12.07
C LEU B 95 -6.51 -9.92 -10.83
N ARG B 96 -5.21 -9.73 -10.99
CA ARG B 96 -4.25 -10.01 -9.91
C ARG B 96 -4.55 -9.17 -8.67
N GLU B 97 -4.82 -7.90 -8.89
CA GLU B 97 -5.17 -6.96 -7.83
C GLU B 97 -6.38 -7.42 -7.02
N ASN B 98 -7.30 -8.10 -7.70
CA ASN B 98 -8.52 -8.61 -7.06
C ASN B 98 -8.45 -10.08 -6.61
N GLN B 99 -7.23 -10.64 -6.57
CA GLN B 99 -6.98 -12.04 -6.17
C GLN B 99 -7.69 -13.08 -7.07
N LEU B 100 -7.77 -12.75 -8.37
CA LEU B 100 -8.44 -13.57 -9.36
C LEU B 100 -7.41 -14.08 -10.37
N LEU B 101 -7.74 -15.19 -11.03
CA LEU B 101 -6.92 -15.78 -12.09
C LEU B 101 -7.65 -15.72 -13.41
N PRO B 102 -6.94 -15.52 -14.52
CA PRO B 102 -7.62 -15.59 -15.80
C PRO B 102 -7.94 -17.04 -16.16
N GLY B 103 -9.14 -17.26 -16.68
CA GLY B 103 -9.41 -18.46 -17.49
C GLY B 103 -8.90 -18.03 -18.86
N PHE B 104 -7.66 -18.40 -19.17
CA PHE B 104 -6.93 -17.77 -20.26
C PHE B 104 -7.22 -18.49 -21.58
N GLU B 105 -8.31 -18.09 -22.22
CA GLU B 105 -8.61 -18.57 -23.57
C GLU B 105 -7.64 -17.93 -24.56
N LEU B 106 -6.97 -18.76 -25.34
CA LEU B 106 -6.00 -18.29 -26.34
C LEU B 106 -6.79 -17.87 -27.60
N MET B 107 -7.42 -16.71 -27.52
CA MET B 107 -8.53 -16.32 -28.40
C MET B 107 -8.36 -14.88 -28.85
N GLY B 108 -8.15 -14.69 -30.15
CA GLY B 108 -7.90 -13.36 -30.71
C GLY B 108 -6.99 -13.44 -31.93
N SER B 109 -6.93 -12.36 -32.69
CA SER B 109 -6.12 -12.29 -33.91
C SER B 109 -4.89 -11.39 -33.74
N ALA B 110 -4.68 -10.90 -32.53
CA ALA B 110 -3.62 -9.94 -32.25
C ALA B 110 -3.85 -8.66 -33.08
N SER B 111 -5.09 -8.19 -33.07
CA SER B 111 -5.51 -6.98 -33.79
C SER B 111 -5.32 -7.11 -35.31
N GLY B 112 -5.80 -8.22 -35.87
CA GLY B 112 -5.78 -8.41 -37.31
C GLY B 112 -4.61 -9.16 -37.91
N HIS B 113 -3.57 -9.47 -37.12
CA HIS B 113 -2.39 -10.12 -37.69
C HIS B 113 -2.67 -11.52 -38.17
N PHE B 114 -3.33 -12.33 -37.34
CA PHE B 114 -3.57 -13.73 -37.67
C PHE B 114 -4.91 -13.85 -38.41
N THR B 115 -4.88 -14.54 -39.55
CA THR B 115 -6.03 -14.68 -40.43
C THR B 115 -6.26 -16.10 -40.95
N ASP B 116 -5.27 -16.98 -40.84
CA ASP B 116 -5.32 -18.28 -41.52
C ASP B 116 -4.40 -19.27 -40.83
N PHE B 117 -5.01 -20.24 -40.13
CA PHE B 117 -4.25 -21.26 -39.39
C PHE B 117 -3.89 -22.51 -40.21
N GLU B 118 -4.09 -22.45 -41.54
CA GLU B 118 -3.42 -23.39 -42.45
C GLU B 118 -2.24 -22.73 -43.17
N ASP B 119 -1.97 -21.46 -42.89
CA ASP B 119 -0.77 -20.77 -43.34
C ASP B 119 0.38 -21.12 -42.38
N LYS B 120 1.30 -21.96 -42.86
CA LYS B 120 2.41 -22.49 -42.08
C LYS B 120 3.16 -21.41 -41.29
N GLN B 121 3.38 -20.27 -41.92
CA GLN B 121 4.14 -19.21 -41.28
C GLN B 121 3.35 -18.60 -40.11
N GLN B 122 2.05 -18.48 -40.26
CA GLN B 122 1.20 -17.98 -39.18
C GLN B 122 1.16 -18.96 -38.00
N VAL B 123 1.13 -20.26 -38.29
CA VAL B 123 1.09 -21.32 -37.27
C VAL B 123 2.36 -21.26 -36.39
N PHE B 124 3.52 -21.07 -37.04
CA PHE B 124 4.77 -20.89 -36.31
C PHE B 124 4.76 -19.61 -35.49
N GLU B 125 4.25 -18.54 -36.10
CA GLU B 125 4.13 -17.25 -35.41
C GLU B 125 3.22 -17.33 -34.19
N TRP B 126 2.12 -18.09 -34.31
CA TRP B 126 1.20 -18.30 -33.20
C TRP B 126 1.92 -18.96 -32.01
N LYS B 127 2.65 -20.03 -32.30
CA LYS B 127 3.46 -20.70 -31.29
C LYS B 127 4.41 -19.71 -30.59
N ASP B 128 5.06 -18.84 -31.35
CA ASP B 128 5.94 -17.82 -30.77
C ASP B 128 5.19 -16.78 -29.92
N LEU B 129 4.01 -16.35 -30.38
CA LEU B 129 3.18 -15.44 -29.58
C LEU B 129 2.86 -16.09 -28.22
N VAL B 130 2.47 -17.37 -28.25
CA VAL B 130 2.08 -18.08 -27.04
C VAL B 130 3.28 -18.28 -26.09
N SER B 131 4.43 -18.66 -26.65
CA SER B 131 5.66 -18.74 -25.86
C SER B 131 6.01 -17.39 -25.24
N SER B 132 5.92 -16.34 -26.05
CA SER B 132 6.30 -15.00 -25.61
C SER B 132 5.42 -14.55 -24.44
N LEU B 133 4.11 -14.69 -24.59
CA LEU B 133 3.19 -14.22 -23.56
C LEU B 133 3.31 -15.04 -22.29
N ALA B 134 3.43 -16.36 -22.43
CA ALA B 134 3.63 -17.23 -21.28
C ALA B 134 4.87 -16.82 -20.48
N ARG B 135 6.02 -16.71 -21.16
CA ARG B 135 7.27 -16.29 -20.50
C ARG B 135 7.13 -14.93 -19.86
N ARG B 136 6.44 -14.02 -20.52
CA ARG B 136 6.24 -12.70 -19.99
C ARG B 136 5.57 -12.79 -18.62
N TYR B 137 4.46 -13.52 -18.55
CA TYR B 137 3.67 -13.56 -17.31
C TYR B 137 4.30 -14.44 -16.21
N ILE B 138 5.05 -15.46 -16.61
CA ILE B 138 5.94 -16.17 -15.68
C ILE B 138 6.94 -15.20 -15.07
N GLY B 139 7.51 -14.33 -15.88
CA GLY B 139 8.39 -13.27 -15.40
C GLY B 139 7.69 -12.24 -14.52
N ARG B 140 6.47 -11.88 -14.89
CA ARG B 140 5.70 -10.85 -14.17
C ARG B 140 5.11 -11.34 -12.83
N TYR B 141 4.59 -12.56 -12.79
CA TYR B 141 3.91 -13.08 -11.59
C TYR B 141 4.58 -14.29 -10.93
N GLY B 142 5.57 -14.90 -11.58
CA GLY B 142 6.18 -16.14 -11.09
C GLY B 142 5.56 -17.40 -11.68
N LEU B 143 6.40 -18.41 -11.88
CA LEU B 143 5.96 -19.70 -12.43
C LEU B 143 4.88 -20.38 -11.59
N ALA B 144 5.03 -20.32 -10.26
CA ALA B 144 4.09 -20.99 -9.37
C ALA B 144 2.68 -20.47 -9.61
N HIS B 145 2.55 -19.13 -9.66
CA HIS B 145 1.27 -18.52 -9.96
C HIS B 145 0.71 -18.84 -11.36
N VAL B 146 1.52 -18.66 -12.40
CA VAL B 146 1.04 -18.85 -13.78
C VAL B 146 0.70 -20.32 -14.10
N SER B 147 1.36 -21.27 -13.41
CA SER B 147 1.05 -22.70 -13.56
C SER B 147 -0.35 -23.08 -13.06
N LYS B 148 -0.98 -22.22 -12.28
CA LYS B 148 -2.36 -22.45 -11.83
C LYS B 148 -3.41 -22.05 -12.88
N TRP B 149 -3.01 -21.33 -13.92
CA TRP B 149 -3.94 -20.84 -14.94
C TRP B 149 -4.42 -21.95 -15.88
N ASN B 150 -5.72 -21.95 -16.12
CA ASN B 150 -6.32 -22.80 -17.14
C ASN B 150 -6.20 -22.11 -18.50
N PHE B 151 -5.10 -22.37 -19.19
CA PHE B 151 -5.01 -21.98 -20.60
C PHE B 151 -5.98 -22.87 -21.37
N GLU B 152 -6.66 -22.29 -22.33
CA GLU B 152 -7.76 -22.96 -23.00
C GLU B 152 -7.79 -22.52 -24.47
N THR B 153 -8.36 -23.36 -25.32
CA THR B 153 -8.59 -23.01 -26.72
C THR B 153 -9.63 -21.89 -26.86
N TRP B 154 -9.63 -21.31 -28.05
CA TRP B 154 -10.67 -20.42 -28.56
C TRP B 154 -12.05 -20.95 -28.16
N ASN B 155 -12.92 -20.05 -27.71
CA ASN B 155 -14.25 -20.39 -27.24
C ASN B 155 -15.16 -21.00 -28.33
N GLU B 156 -15.87 -22.06 -27.93
CA GLU B 156 -16.89 -22.71 -28.75
C GLU B 156 -16.59 -22.73 -30.26
N PRO B 157 -15.53 -23.44 -30.65
CA PRO B 157 -15.10 -23.40 -32.05
C PRO B 157 -16.16 -23.90 -33.06
N ASP B 158 -17.10 -24.73 -32.63
CA ASP B 158 -18.17 -25.23 -33.49
C ASP B 158 -19.42 -24.36 -33.49
N HIS B 159 -19.47 -23.34 -32.63
CA HIS B 159 -20.62 -22.46 -32.55
C HIS B 159 -20.15 -21.01 -32.57
N HIS B 160 -19.14 -20.74 -33.40
CA HIS B 160 -18.51 -19.44 -33.48
C HIS B 160 -18.35 -19.03 -34.93
N ASP B 161 -18.65 -17.78 -35.26
CA ASP B 161 -18.34 -17.23 -36.58
C ASP B 161 -16.94 -16.63 -36.53
N PHE B 162 -15.99 -17.32 -37.14
CA PHE B 162 -14.58 -16.90 -37.10
C PHE B 162 -14.30 -15.67 -37.96
N ASP B 163 -15.19 -15.38 -38.91
CA ASP B 163 -15.20 -14.10 -39.63
C ASP B 163 -13.88 -13.83 -40.37
N ASN B 164 -13.07 -12.86 -39.91
CA ASN B 164 -11.83 -12.52 -40.61
C ASN B 164 -10.69 -13.51 -40.34
N VAL B 165 -10.93 -14.46 -39.45
CA VAL B 165 -10.02 -15.56 -39.22
C VAL B 165 -10.55 -16.79 -39.94
N SER B 166 -9.66 -17.45 -40.70
CA SER B 166 -9.97 -18.74 -41.29
C SER B 166 -9.52 -19.89 -40.38
N MET B 167 -10.49 -20.63 -39.84
CA MET B 167 -10.24 -21.71 -38.90
C MET B 167 -10.96 -22.97 -39.35
N THR B 168 -10.33 -23.68 -40.29
CA THR B 168 -10.84 -24.95 -40.76
C THR B 168 -10.66 -26.04 -39.70
N MET B 169 -11.15 -27.24 -39.99
CA MET B 169 -10.89 -28.41 -39.14
C MET B 169 -9.39 -28.57 -38.93
N GLN B 170 -8.64 -28.68 -40.02
CA GLN B 170 -7.18 -28.82 -39.92
C GLN B 170 -6.55 -27.59 -39.26
N GLY B 171 -7.01 -26.40 -39.64
CA GLY B 171 -6.55 -25.16 -39.02
C GLY B 171 -6.62 -25.17 -37.50
N PHE B 172 -7.73 -25.69 -36.98
CA PHE B 172 -7.96 -25.77 -35.53
C PHE B 172 -6.96 -26.69 -34.87
N LEU B 173 -6.63 -27.80 -35.53
CA LEU B 173 -5.61 -28.73 -35.02
C LEU B 173 -4.23 -28.09 -35.04
N ASN B 174 -3.94 -27.37 -36.12
CA ASN B 174 -2.65 -26.66 -36.24
C ASN B 174 -2.52 -25.60 -35.16
N TYR B 175 -3.57 -24.80 -35.03
CA TYR B 175 -3.73 -23.83 -33.94
C TYR B 175 -3.52 -24.48 -32.57
N TYR B 176 -4.16 -25.62 -32.33
CA TYR B 176 -4.01 -26.28 -31.04
C TYR B 176 -2.56 -26.63 -30.78
N ASP B 177 -1.93 -27.28 -31.77
CA ASP B 177 -0.54 -27.70 -31.65
C ASP B 177 0.38 -26.52 -31.37
N ALA B 178 0.12 -25.38 -31.99
CA ALA B 178 0.88 -24.17 -31.71
C ALA B 178 0.65 -23.69 -30.28
N CYS B 179 -0.58 -23.78 -29.77
CA CYS B 179 -0.85 -23.40 -28.37
C CYS B 179 -0.06 -24.31 -27.44
N SER B 180 -0.13 -25.61 -27.68
CA SER B 180 0.48 -26.61 -26.82
C SER B 180 2.01 -26.55 -26.83
N GLU B 181 2.59 -26.44 -28.02
CA GLU B 181 4.04 -26.27 -28.17
C GLU B 181 4.52 -24.91 -27.66
N GLY B 182 3.76 -23.85 -27.89
CA GLY B 182 4.09 -22.53 -27.35
C GLY B 182 4.20 -22.57 -25.82
N LEU B 183 3.25 -23.23 -25.17
CA LEU B 183 3.24 -23.33 -23.70
C LEU B 183 4.33 -24.29 -23.23
N ARG B 184 4.51 -25.40 -23.94
CA ARG B 184 5.56 -26.35 -23.59
C ARG B 184 6.94 -25.67 -23.62
N ALA B 185 7.23 -24.94 -24.70
CA ALA B 185 8.52 -24.24 -24.83
C ALA B 185 8.76 -23.29 -23.66
N ALA B 186 7.69 -22.65 -23.19
CA ALA B 186 7.81 -21.74 -22.06
C ALA B 186 8.09 -22.53 -20.76
N SER B 187 7.26 -23.54 -20.48
CA SER B 187 7.42 -24.34 -19.26
C SER B 187 6.51 -25.56 -19.25
N PRO B 188 7.04 -26.74 -18.88
CA PRO B 188 6.20 -27.94 -18.74
C PRO B 188 5.10 -27.81 -17.68
N ALA B 189 5.22 -26.84 -16.78
CA ALA B 189 4.24 -26.63 -15.73
C ALA B 189 2.92 -26.07 -16.23
N LEU B 190 2.91 -25.44 -17.41
CA LEU B 190 1.71 -24.76 -17.88
C LEU B 190 0.68 -25.76 -18.38
N ARG B 191 -0.59 -25.47 -18.09
CA ARG B 191 -1.71 -26.36 -18.33
C ARG B 191 -2.52 -25.87 -19.54
N LEU B 192 -2.89 -26.78 -20.44
CA LEU B 192 -3.72 -26.47 -21.59
C LEU B 192 -4.87 -27.46 -21.77
N GLY B 193 -6.07 -26.95 -22.03
CA GLY B 193 -7.23 -27.79 -22.38
C GLY B 193 -8.18 -27.14 -23.39
N GLY B 194 -9.23 -27.86 -23.74
CA GLY B 194 -10.25 -27.42 -24.69
C GLY B 194 -11.26 -28.54 -24.91
N PRO B 195 -12.20 -28.39 -25.84
CA PRO B 195 -12.30 -27.24 -26.75
C PRO B 195 -13.16 -26.09 -26.22
N GLY B 196 -13.81 -26.27 -25.07
CA GLY B 196 -14.75 -25.29 -24.55
C GLY B 196 -16.01 -25.22 -25.41
N ASP B 197 -16.66 -26.36 -25.62
CA ASP B 197 -17.82 -26.44 -26.52
C ASP B 197 -18.74 -27.57 -26.10
N SER B 198 -19.88 -27.69 -26.79
CA SER B 198 -20.99 -28.52 -26.30
C SER B 198 -20.90 -29.98 -26.66
N PHE B 199 -20.09 -30.31 -27.68
CA PHE B 199 -19.97 -31.69 -28.15
C PHE B 199 -21.34 -32.24 -28.57
N HIS B 200 -21.98 -31.61 -29.53
CA HIS B 200 -23.24 -32.12 -30.05
C HIS B 200 -22.95 -33.48 -30.77
N THR B 201 -23.97 -34.32 -30.86
CA THR B 201 -23.82 -35.66 -31.42
C THR B 201 -23.17 -35.65 -32.81
N PRO B 202 -22.08 -36.43 -32.99
CA PRO B 202 -21.51 -36.56 -34.35
C PRO B 202 -22.61 -36.93 -35.37
N PRO B 203 -22.57 -36.40 -36.58
CA PRO B 203 -21.46 -35.63 -37.12
C PRO B 203 -21.43 -34.13 -36.78
N ARG B 204 -22.24 -33.69 -35.83
CA ARG B 204 -22.15 -32.30 -35.37
C ARG B 204 -20.83 -32.08 -34.63
N SER B 205 -20.53 -30.82 -34.40
CA SER B 205 -19.37 -30.39 -33.61
C SER B 205 -18.05 -31.07 -34.04
N PRO B 206 -17.71 -30.97 -35.35
CA PRO B 206 -16.51 -31.61 -35.86
C PRO B 206 -15.19 -31.09 -35.25
N LEU B 207 -15.06 -29.79 -34.99
CA LEU B 207 -13.81 -29.29 -34.43
C LEU B 207 -13.59 -29.81 -32.98
N SER B 208 -14.67 -29.96 -32.23
CA SER B 208 -14.60 -30.44 -30.86
C SER B 208 -14.23 -31.92 -30.77
N TRP B 209 -14.98 -32.78 -31.44
CA TRP B 209 -14.64 -34.21 -31.50
C TRP B 209 -13.31 -34.44 -32.22
N GLY B 210 -13.04 -33.60 -33.22
CA GLY B 210 -11.80 -33.68 -34.00
C GLY B 210 -10.58 -33.37 -33.16
N LEU B 211 -10.70 -32.41 -32.25
CA LEU B 211 -9.59 -32.08 -31.33
C LEU B 211 -9.22 -33.29 -30.51
N LEU B 212 -10.23 -33.96 -29.97
CA LEU B 212 -10.00 -35.11 -29.12
C LEU B 212 -9.30 -36.23 -29.90
N ARG B 213 -9.79 -36.56 -31.10
CA ARG B 213 -9.15 -37.61 -31.92
C ARG B 213 -7.71 -37.22 -32.30
N HIS B 214 -7.51 -35.95 -32.62
CA HIS B 214 -6.17 -35.43 -32.90
C HIS B 214 -5.21 -35.59 -31.73
N CYS B 215 -5.65 -35.21 -30.52
CA CYS B 215 -4.82 -35.37 -29.31
C CYS B 215 -4.60 -36.84 -28.93
N HIS B 216 -5.60 -37.68 -29.19
CA HIS B 216 -5.54 -39.11 -28.88
C HIS B 216 -4.62 -39.86 -29.85
N ASP B 217 -4.79 -39.61 -31.15
CA ASP B 217 -4.19 -40.42 -32.22
C ASP B 217 -3.49 -39.64 -33.33
N GLY B 218 -3.64 -38.32 -33.38
CA GLY B 218 -3.15 -37.51 -34.51
C GLY B 218 -1.66 -37.23 -34.47
N THR B 219 -1.22 -36.41 -35.42
CA THR B 219 0.20 -36.07 -35.51
C THR B 219 0.41 -34.61 -35.17
N ASN B 220 1.39 -34.37 -34.32
CA ASN B 220 1.81 -33.04 -33.91
C ASN B 220 2.44 -32.27 -35.09
N PHE B 221 1.91 -31.09 -35.37
CA PHE B 221 2.27 -30.29 -36.53
C PHE B 221 3.76 -29.96 -36.57
N PHE B 222 4.35 -29.74 -35.41
CA PHE B 222 5.73 -29.31 -35.31
C PHE B 222 6.71 -30.47 -35.20
N THR B 223 6.33 -31.52 -34.46
CA THR B 223 7.25 -32.61 -34.12
C THR B 223 6.99 -33.93 -34.83
N GLY B 224 5.80 -34.11 -35.38
CA GLY B 224 5.40 -35.40 -35.98
C GLY B 224 5.02 -36.48 -34.99
N GLU B 225 5.06 -36.18 -33.69
CA GLU B 225 4.76 -37.18 -32.66
C GLU B 225 3.31 -37.63 -32.71
N ALA B 226 3.10 -38.91 -32.44
CA ALA B 226 1.76 -39.46 -32.34
C ALA B 226 1.12 -39.02 -31.02
N GLY B 227 -0.01 -38.31 -31.13
CA GLY B 227 -0.69 -37.78 -29.95
C GLY B 227 -0.13 -36.44 -29.50
N VAL B 228 -1.01 -35.65 -28.89
CA VAL B 228 -0.66 -34.33 -28.38
C VAL B 228 -1.29 -34.14 -27.00
N ARG B 229 -0.54 -33.47 -26.12
CA ARG B 229 -0.97 -33.12 -24.76
C ARG B 229 -2.38 -32.54 -24.75
N LEU B 230 -3.17 -32.96 -23.77
CA LEU B 230 -4.47 -32.39 -23.47
C LEU B 230 -4.73 -32.55 -21.96
N ASP B 231 -4.54 -31.49 -21.19
CA ASP B 231 -4.55 -31.60 -19.72
C ASP B 231 -5.95 -31.64 -19.12
N TYR B 232 -6.92 -31.04 -19.79
CA TYR B 232 -8.32 -31.19 -19.39
C TYR B 232 -9.21 -31.02 -20.60
N ILE B 233 -10.42 -31.59 -20.50
CA ILE B 233 -11.44 -31.44 -21.53
C ILE B 233 -12.54 -30.54 -20.98
N SER B 234 -12.78 -29.44 -21.66
CA SER B 234 -13.81 -28.50 -21.23
C SER B 234 -15.01 -28.55 -22.18
N LEU B 235 -16.17 -28.80 -21.59
CA LEU B 235 -17.43 -28.73 -22.31
C LEU B 235 -18.28 -27.58 -21.81
N HIS B 236 -19.31 -27.25 -22.59
CA HIS B 236 -20.33 -26.27 -22.25
C HIS B 236 -21.69 -26.96 -22.35
N ARG B 237 -22.42 -27.04 -21.24
CA ARG B 237 -23.79 -27.50 -21.29
C ARG B 237 -24.67 -26.67 -20.34
N LYS B 238 -25.77 -26.18 -20.90
CA LYS B 238 -26.72 -25.31 -20.23
C LYS B 238 -28.06 -26.03 -20.01
N GLY B 239 -28.87 -25.49 -19.10
CA GLY B 239 -30.03 -26.20 -18.60
C GLY B 239 -31.34 -26.08 -19.36
N ALA B 240 -31.46 -25.09 -20.24
CA ALA B 240 -32.78 -24.72 -20.82
C ALA B 240 -33.81 -24.61 -19.69
N ARG B 241 -33.41 -23.96 -18.60
CA ARG B 241 -34.24 -23.74 -17.40
C ARG B 241 -34.37 -24.93 -16.45
N SER B 242 -33.74 -26.06 -16.79
CA SER B 242 -33.71 -27.20 -15.86
C SER B 242 -32.32 -27.36 -15.23
N SER B 243 -32.28 -27.45 -13.90
CA SER B 243 -31.02 -27.66 -13.19
C SER B 243 -30.46 -29.06 -13.44
N ILE B 244 -31.29 -30.08 -13.21
CA ILE B 244 -30.84 -31.47 -13.33
C ILE B 244 -30.40 -31.83 -14.74
N SER B 245 -31.00 -31.15 -15.73
CA SER B 245 -30.66 -31.38 -17.14
C SER B 245 -29.18 -31.15 -17.42
N ILE B 246 -28.57 -30.19 -16.71
CA ILE B 246 -27.15 -29.89 -16.89
C ILE B 246 -26.34 -31.14 -16.61
N LEU B 247 -26.52 -31.69 -15.42
CA LEU B 247 -25.87 -32.93 -14.99
C LEU B 247 -26.15 -34.09 -15.95
N GLU B 248 -27.42 -34.22 -16.37
CA GLU B 248 -27.79 -35.31 -17.28
C GLU B 248 -27.00 -35.23 -18.58
N GLN B 249 -26.95 -34.05 -19.18
CA GLN B 249 -26.23 -33.84 -20.43
C GLN B 249 -24.72 -34.07 -20.30
N GLU B 250 -24.15 -33.56 -19.22
CA GLU B 250 -22.72 -33.77 -18.92
C GLU B 250 -22.36 -35.26 -18.87
N LYS B 251 -23.21 -36.07 -18.25
CA LYS B 251 -22.97 -37.51 -18.11
C LYS B 251 -22.94 -38.22 -19.45
N VAL B 252 -23.84 -37.84 -20.36
CA VAL B 252 -23.90 -38.42 -21.69
C VAL B 252 -22.60 -38.13 -22.45
N VAL B 253 -22.20 -36.87 -22.48
CA VAL B 253 -20.97 -36.47 -23.14
C VAL B 253 -19.72 -37.10 -22.51
N ALA B 254 -19.63 -37.12 -21.18
CA ALA B 254 -18.45 -37.70 -20.52
C ALA B 254 -18.30 -39.19 -20.83
N GLN B 255 -19.43 -39.90 -20.86
CA GLN B 255 -19.46 -41.31 -21.21
C GLN B 255 -18.99 -41.57 -22.67
N GLN B 256 -19.48 -40.75 -23.60
CA GLN B 256 -19.06 -40.88 -25.00
C GLN B 256 -17.55 -40.65 -25.14
N ILE B 257 -17.04 -39.62 -24.46
CA ILE B 257 -15.60 -39.32 -24.49
C ILE B 257 -14.77 -40.50 -23.96
N ARG B 258 -15.19 -41.04 -22.82
CA ARG B 258 -14.56 -42.19 -22.19
C ARG B 258 -14.54 -43.45 -23.09
N GLN B 259 -15.65 -43.70 -23.76
CA GLN B 259 -15.77 -44.86 -24.66
C GLN B 259 -14.95 -44.71 -25.94
N LEU B 260 -15.02 -43.54 -26.56
CA LEU B 260 -14.32 -43.28 -27.83
C LEU B 260 -12.83 -43.04 -27.67
N PHE B 261 -12.42 -42.52 -26.51
CA PHE B 261 -11.02 -42.15 -26.29
C PHE B 261 -10.53 -42.67 -24.93
N PRO B 262 -10.19 -43.97 -24.86
CA PRO B 262 -9.88 -44.60 -23.58
C PRO B 262 -8.69 -43.96 -22.83
N LYS B 263 -7.75 -43.36 -23.56
CA LYS B 263 -6.61 -42.70 -22.93
C LYS B 263 -6.98 -41.44 -22.15
N PHE B 264 -8.17 -40.89 -22.39
CA PHE B 264 -8.67 -39.72 -21.67
C PHE B 264 -9.63 -40.10 -20.54
N ALA B 265 -9.68 -41.39 -20.19
CA ALA B 265 -10.60 -41.86 -19.16
C ALA B 265 -10.46 -41.09 -17.84
N ASP B 266 -9.23 -40.73 -17.49
CA ASP B 266 -8.95 -39.98 -16.26
C ASP B 266 -8.63 -38.50 -16.52
N THR B 267 -8.91 -38.01 -17.73
CA THR B 267 -8.68 -36.60 -18.04
C THR B 267 -9.76 -35.74 -17.38
N PRO B 268 -9.38 -34.73 -16.59
CA PRO B 268 -10.42 -33.93 -15.94
C PRO B 268 -11.39 -33.24 -16.90
N ILE B 269 -12.68 -33.25 -16.56
CA ILE B 269 -13.71 -32.59 -17.35
C ILE B 269 -14.18 -31.32 -16.61
N TYR B 270 -14.22 -30.20 -17.34
CA TYR B 270 -14.79 -28.95 -16.83
C TYR B 270 -16.11 -28.69 -17.57
N ASN B 271 -17.10 -28.12 -16.89
CA ASN B 271 -18.18 -27.45 -17.60
C ASN B 271 -18.01 -25.98 -17.32
N ASP B 272 -17.32 -25.28 -18.22
CA ASP B 272 -17.03 -23.87 -17.98
C ASP B 272 -18.01 -22.86 -18.60
N GLU B 273 -19.21 -23.32 -18.94
CA GLU B 273 -20.38 -22.46 -19.16
C GLU B 273 -21.65 -23.22 -18.77
N ALA B 274 -21.92 -23.30 -17.46
CA ALA B 274 -22.91 -24.23 -16.92
C ALA B 274 -24.18 -23.53 -16.43
N ASP B 275 -24.69 -22.65 -17.27
CA ASP B 275 -25.74 -21.72 -16.89
C ASP B 275 -27.14 -22.34 -17.05
N PRO B 276 -28.11 -21.92 -16.22
CA PRO B 276 -29.52 -22.33 -16.37
C PRO B 276 -30.06 -22.14 -17.79
N LEU B 277 -29.75 -21.02 -18.42
CA LEU B 277 -30.29 -20.71 -19.75
C LEU B 277 -29.30 -19.96 -20.63
N VAL B 278 -29.12 -20.47 -21.86
CA VAL B 278 -28.36 -19.78 -22.89
C VAL B 278 -28.90 -18.37 -23.15
N GLY B 279 -28.00 -17.43 -23.38
CA GLY B 279 -28.36 -16.06 -23.78
C GLY B 279 -28.35 -15.11 -22.59
N TRP B 280 -27.16 -14.61 -22.24
CA TRP B 280 -27.00 -13.84 -21.01
C TRP B 280 -27.79 -12.53 -20.98
N SER B 281 -27.96 -11.89 -22.13
CA SER B 281 -28.56 -10.55 -22.21
C SER B 281 -30.10 -10.57 -22.26
N LEU B 282 -30.69 -11.74 -22.48
CA LEU B 282 -32.16 -11.89 -22.47
C LEU B 282 -32.72 -11.59 -21.08
N PRO B 283 -33.61 -10.58 -20.96
CA PRO B 283 -34.15 -10.29 -19.64
C PRO B 283 -35.04 -11.42 -19.11
N GLN B 284 -34.80 -11.84 -17.88
CA GLN B 284 -35.58 -12.87 -17.22
C GLN B 284 -35.77 -12.43 -15.78
N PRO B 285 -37.02 -12.26 -15.34
CA PRO B 285 -37.24 -11.82 -13.95
C PRO B 285 -36.53 -12.69 -12.91
N TRP B 286 -36.43 -13.99 -13.16
CA TRP B 286 -35.78 -14.90 -12.20
C TRP B 286 -34.25 -14.67 -12.05
N ARG B 287 -33.65 -14.02 -13.04
CA ARG B 287 -32.22 -13.72 -12.99
C ARG B 287 -31.93 -12.46 -12.17
N ALA B 288 -32.98 -11.81 -11.69
CA ALA B 288 -32.83 -10.60 -10.87
C ALA B 288 -32.57 -10.87 -9.39
N ASP B 289 -32.93 -12.05 -8.92
CA ASP B 289 -33.06 -12.22 -7.49
C ASP B 289 -32.66 -13.61 -6.95
N VAL B 290 -33.29 -14.03 -5.85
CA VAL B 290 -32.87 -15.24 -5.14
C VAL B 290 -33.30 -16.48 -5.91
N THR B 291 -34.19 -16.32 -6.90
CA THR B 291 -34.58 -17.45 -7.76
C THR B 291 -33.36 -18.01 -8.48
N TYR B 292 -32.64 -17.14 -9.18
CA TYR B 292 -31.38 -17.51 -9.83
C TYR B 292 -30.36 -18.03 -8.80
N ALA B 293 -30.20 -17.31 -7.69
CA ALA B 293 -29.24 -17.71 -6.65
C ALA B 293 -29.47 -19.12 -6.14
N ALA B 294 -30.71 -19.44 -5.82
CA ALA B 294 -31.02 -20.73 -5.23
C ALA B 294 -30.85 -21.87 -6.24
N MET B 295 -31.12 -21.58 -7.50
CA MET B 295 -30.91 -22.54 -8.58
C MET B 295 -29.43 -22.85 -8.78
N VAL B 296 -28.59 -21.81 -8.69
CA VAL B 296 -27.14 -22.00 -8.77
C VAL B 296 -26.65 -22.95 -7.68
N VAL B 297 -27.14 -22.78 -6.46
CA VAL B 297 -26.76 -23.63 -5.34
C VAL B 297 -27.26 -25.05 -5.58
N LYS B 298 -28.49 -25.14 -6.06
CA LYS B 298 -29.14 -26.40 -6.37
C LYS B 298 -28.33 -27.20 -7.39
N VAL B 299 -27.87 -26.53 -8.46
CA VAL B 299 -27.04 -27.19 -9.48
C VAL B 299 -25.75 -27.73 -8.86
N ILE B 300 -25.11 -26.91 -8.03
CA ILE B 300 -23.90 -27.32 -7.33
C ILE B 300 -24.13 -28.53 -6.42
N ALA B 301 -25.20 -28.50 -5.62
CA ALA B 301 -25.54 -29.64 -4.73
C ALA B 301 -25.77 -30.91 -5.52
N GLN B 302 -26.51 -30.80 -6.62
CA GLN B 302 -26.73 -31.91 -7.53
C GLN B 302 -25.40 -32.50 -7.98
N HIS B 303 -24.46 -31.64 -8.34
CA HIS B 303 -23.15 -32.11 -8.79
C HIS B 303 -22.37 -32.79 -7.68
N GLN B 304 -22.37 -32.22 -6.48
CA GLN B 304 -21.65 -32.88 -5.39
C GLN B 304 -22.32 -34.19 -4.98
N ASN B 305 -23.63 -34.17 -4.80
CA ASN B 305 -24.34 -35.33 -4.26
C ASN B 305 -24.60 -36.46 -5.25
N LEU B 306 -24.80 -36.13 -6.53
CA LEU B 306 -25.23 -37.13 -7.52
C LEU B 306 -24.13 -37.51 -8.50
N LEU B 307 -22.98 -36.85 -8.43
CA LEU B 307 -21.86 -37.16 -9.30
C LEU B 307 -20.56 -37.40 -8.52
N LEU B 308 -20.07 -36.38 -7.82
CA LEU B 308 -18.76 -36.42 -7.17
C LEU B 308 -18.73 -37.34 -5.95
N ALA B 309 -19.76 -37.26 -5.12
CA ALA B 309 -19.95 -38.21 -4.03
C ALA B 309 -20.50 -39.50 -4.63
N ALA B 314 -19.54 -41.82 -11.92
CA ALA B 314 -18.12 -41.95 -11.61
C ALA B 314 -17.24 -41.60 -12.81
N PHE B 315 -17.13 -40.30 -13.09
CA PHE B 315 -16.19 -39.77 -14.07
C PHE B 315 -15.57 -38.46 -13.53
N PRO B 316 -14.41 -38.06 -14.05
CA PRO B 316 -13.55 -37.06 -13.39
C PRO B 316 -13.93 -35.59 -13.63
N TYR B 317 -15.06 -35.17 -13.05
CA TYR B 317 -15.52 -33.77 -13.11
C TYR B 317 -14.75 -32.90 -12.13
N ALA B 318 -14.22 -31.77 -12.59
CA ALA B 318 -13.30 -30.96 -11.79
C ALA B 318 -13.68 -29.49 -11.61
N LEU B 319 -14.56 -28.97 -12.46
CA LEU B 319 -14.83 -27.53 -12.44
C LEU B 319 -16.20 -27.20 -13.07
N LEU B 320 -16.93 -26.31 -12.41
CA LEU B 320 -18.20 -25.82 -12.90
C LEU B 320 -18.12 -24.31 -12.87
N SER B 321 -18.35 -23.66 -14.01
CA SER B 321 -18.33 -22.21 -14.05
C SER B 321 -19.66 -21.67 -14.52
N ASN B 322 -20.21 -20.73 -13.75
CA ASN B 322 -21.39 -19.94 -14.14
C ASN B 322 -20.92 -18.68 -14.91
N ASP B 323 -21.29 -18.57 -16.18
CA ASP B 323 -20.75 -17.53 -17.04
C ASP B 323 -21.52 -16.22 -16.86
N ASN B 324 -21.32 -15.58 -15.70
CA ASN B 324 -22.19 -14.48 -15.30
C ASN B 324 -21.47 -13.22 -14.82
N ALA B 325 -20.26 -12.96 -15.32
CA ALA B 325 -19.52 -11.72 -14.97
C ALA B 325 -19.74 -10.56 -15.94
N PHE B 326 -20.71 -10.72 -16.85
CA PHE B 326 -21.10 -9.65 -17.78
C PHE B 326 -21.61 -8.42 -17.01
N LEU B 327 -21.51 -7.26 -17.64
CA LEU B 327 -22.15 -6.03 -17.12
C LEU B 327 -23.51 -5.80 -17.79
N SER B 328 -24.54 -5.54 -16.98
CA SER B 328 -25.91 -5.40 -17.50
C SER B 328 -26.14 -4.07 -18.22
N TYR B 329 -27.16 -4.04 -19.07
CA TYR B 329 -27.48 -2.88 -19.92
C TYR B 329 -28.87 -2.32 -19.60
N HIS B 330 -29.02 -1.01 -19.75
CA HIS B 330 -30.33 -0.37 -19.74
C HIS B 330 -31.11 -0.94 -20.94
N PRO B 331 -32.40 -1.26 -20.78
CA PRO B 331 -33.20 -1.01 -19.56
C PRO B 331 -33.38 -2.22 -18.63
N HIS B 332 -32.35 -3.08 -18.53
CA HIS B 332 -32.44 -4.36 -17.82
C HIS B 332 -31.31 -4.53 -16.78
N PRO B 333 -31.18 -3.57 -15.84
CA PRO B 333 -30.10 -3.61 -14.86
C PRO B 333 -30.02 -4.92 -14.06
N PHE B 334 -31.18 -5.45 -13.66
CA PHE B 334 -31.26 -6.63 -12.79
C PHE B 334 -31.54 -7.94 -13.52
N ALA B 335 -32.18 -7.87 -14.68
CA ALA B 335 -32.79 -9.06 -15.29
C ALA B 335 -31.88 -9.86 -16.22
N GLN B 336 -30.62 -9.48 -16.33
CA GLN B 336 -29.68 -10.19 -17.20
C GLN B 336 -28.81 -11.14 -16.37
N ARG B 337 -28.09 -12.04 -17.04
CA ARG B 337 -27.30 -13.05 -16.33
C ARG B 337 -25.97 -12.48 -15.85
N THR B 338 -26.08 -11.72 -14.76
CA THR B 338 -24.95 -10.99 -14.21
C THR B 338 -24.87 -11.15 -12.70
N LEU B 339 -23.65 -11.09 -12.19
CA LEU B 339 -23.41 -11.11 -10.75
C LEU B 339 -23.80 -9.76 -10.12
N THR B 340 -23.54 -8.68 -10.85
CA THR B 340 -23.87 -7.33 -10.39
C THR B 340 -24.98 -6.71 -11.25
N ALA B 341 -25.66 -5.71 -10.69
CA ALA B 341 -26.60 -4.87 -11.43
C ALA B 341 -26.01 -3.50 -11.67
N ARG B 342 -25.82 -3.12 -12.93
CA ARG B 342 -25.19 -1.85 -13.27
C ARG B 342 -26.19 -0.72 -13.49
N PHE B 343 -25.87 0.43 -12.92
CA PHE B 343 -26.63 1.67 -13.12
C PHE B 343 -25.66 2.72 -13.62
N GLN B 344 -25.81 3.10 -14.89
CA GLN B 344 -25.07 4.24 -15.43
C GLN B 344 -25.87 5.49 -15.14
N VAL B 345 -25.47 6.22 -14.10
CA VAL B 345 -26.20 7.39 -13.63
C VAL B 345 -25.73 8.58 -14.46
N ASN B 346 -26.46 8.89 -15.52
CA ASN B 346 -26.05 9.92 -16.49
C ASN B 346 -26.49 11.35 -16.13
N ASN B 347 -27.29 11.51 -15.07
CA ASN B 347 -27.79 12.83 -14.70
C ASN B 347 -26.89 13.57 -13.69
N THR B 348 -25.73 12.99 -13.34
CA THR B 348 -24.73 13.70 -12.53
C THR B 348 -23.65 14.27 -13.43
N ARG B 349 -22.95 15.27 -12.90
CA ARG B 349 -21.84 15.94 -13.60
C ARG B 349 -20.55 15.77 -12.80
N PRO B 350 -19.60 14.97 -13.28
CA PRO B 350 -19.76 14.12 -14.46
C PRO B 350 -20.67 12.90 -14.16
N PRO B 351 -21.16 12.23 -15.23
CA PRO B 351 -21.90 10.99 -15.08
C PRO B 351 -21.04 9.92 -14.42
N HIS B 352 -21.65 9.02 -13.65
CA HIS B 352 -20.88 7.98 -12.97
C HIS B 352 -21.58 6.63 -13.05
N VAL B 353 -20.90 5.60 -12.56
CA VAL B 353 -21.44 4.25 -12.57
C VAL B 353 -21.52 3.71 -11.14
N GLN B 354 -22.59 2.98 -10.87
CA GLN B 354 -22.81 2.27 -9.60
C GLN B 354 -23.17 0.82 -9.88
N LEU B 355 -22.68 -0.10 -9.05
CA LEU B 355 -23.09 -1.49 -9.14
C LEU B 355 -23.81 -1.89 -7.86
N LEU B 356 -24.79 -2.78 -7.99
CA LEU B 356 -25.35 -3.50 -6.84
C LEU B 356 -25.04 -4.97 -6.92
N ARG B 357 -24.82 -5.54 -5.74
CA ARG B 357 -24.60 -6.96 -5.55
C ARG B 357 -25.94 -7.67 -5.66
N LYS B 358 -26.08 -8.51 -6.67
CA LYS B 358 -27.30 -9.31 -6.82
C LYS B 358 -27.26 -10.55 -5.94
N PRO B 359 -28.43 -11.14 -5.65
CA PRO B 359 -28.43 -12.31 -4.75
C PRO B 359 -27.56 -13.49 -5.18
N VAL B 360 -27.40 -13.70 -6.48
CA VAL B 360 -26.53 -14.78 -6.94
C VAL B 360 -25.08 -14.59 -6.46
N LEU B 361 -24.58 -13.35 -6.49
CA LEU B 361 -23.22 -13.05 -5.99
C LEU B 361 -23.13 -13.25 -4.47
N THR B 362 -24.16 -12.80 -3.75
CA THR B 362 -24.25 -13.01 -2.31
C THR B 362 -24.27 -14.50 -1.97
N ALA B 363 -24.99 -15.28 -2.77
CA ALA B 363 -25.02 -16.72 -2.59
C ALA B 363 -23.66 -17.40 -2.73
N MET B 364 -22.82 -16.89 -3.63
CA MET B 364 -21.46 -17.43 -3.79
C MET B 364 -20.63 -17.29 -2.50
N GLY B 365 -20.94 -16.26 -1.72
CA GLY B 365 -20.38 -16.08 -0.37
C GLY B 365 -20.86 -17.09 0.66
N LEU B 366 -22.11 -17.55 0.53
CA LEU B 366 -22.60 -18.64 1.39
C LEU B 366 -21.96 -19.98 1.04
N LEU B 367 -21.88 -20.28 -0.27
CA LEU B 367 -21.18 -21.46 -0.74
C LEU B 367 -19.71 -21.46 -0.32
N ALA B 368 -19.10 -20.26 -0.28
CA ALA B 368 -17.69 -20.13 0.10
C ALA B 368 -17.41 -20.60 1.53
N LEU B 369 -18.43 -20.62 2.38
CA LEU B 369 -18.26 -21.06 3.77
C LEU B 369 -18.19 -22.58 3.91
N LEU B 370 -18.47 -23.32 2.83
CA LEU B 370 -18.34 -24.79 2.87
C LEU B 370 -16.87 -25.17 3.03
N ASP B 371 -16.62 -26.15 3.87
CA ASP B 371 -15.25 -26.57 4.21
C ASP B 371 -14.90 -27.89 3.54
N GLU B 372 -13.76 -28.49 3.91
CA GLU B 372 -13.10 -29.51 3.11
C GLU B 372 -13.65 -30.95 3.22
N GLU B 373 -14.48 -31.26 4.21
CA GLU B 373 -15.09 -32.59 4.30
C GLU B 373 -16.60 -32.52 4.17
N GLN B 374 -17.18 -33.40 3.36
CA GLN B 374 -18.64 -33.50 3.29
C GLN B 374 -19.20 -34.38 4.41
N LEU B 375 -20.22 -33.85 5.08
CA LEU B 375 -20.95 -34.60 6.09
C LEU B 375 -22.12 -35.39 5.48
N TRP B 376 -22.43 -36.51 6.14
CA TRP B 376 -23.63 -37.25 5.82
C TRP B 376 -24.86 -36.37 6.09
N ALA B 377 -25.78 -36.37 5.14
CA ALA B 377 -27.03 -35.67 5.32
C ALA B 377 -28.13 -36.39 4.54
N GLU B 378 -29.37 -36.23 5.00
CA GLU B 378 -30.51 -36.87 4.36
C GLU B 378 -31.73 -35.96 4.46
N VAL B 379 -32.36 -35.73 3.32
CA VAL B 379 -33.59 -34.96 3.23
C VAL B 379 -34.73 -35.95 3.01
N SER B 380 -35.84 -35.75 3.70
CA SER B 380 -36.99 -36.61 3.50
C SER B 380 -38.29 -35.86 3.72
N GLN B 381 -39.36 -36.38 3.15
CA GLN B 381 -40.68 -35.86 3.43
C GLN B 381 -41.58 -37.04 3.72
N ALA B 382 -42.17 -37.04 4.91
CA ALA B 382 -43.08 -38.11 5.33
C ALA B 382 -42.45 -39.50 5.15
N GLY B 383 -41.18 -39.64 5.51
CA GLY B 383 -40.47 -40.93 5.42
C GLY B 383 -39.79 -41.22 4.10
N THR B 384 -40.20 -40.56 3.03
CA THR B 384 -39.61 -40.75 1.72
C THR B 384 -38.33 -39.92 1.57
N VAL B 385 -37.20 -40.61 1.35
CA VAL B 385 -35.91 -39.95 1.15
C VAL B 385 -35.89 -39.28 -0.24
N LEU B 386 -35.48 -38.02 -0.26
CA LEU B 386 -35.36 -37.24 -1.49
C LEU B 386 -33.89 -36.91 -1.74
N ASP B 387 -33.41 -37.14 -2.96
CA ASP B 387 -32.06 -36.72 -3.33
C ASP B 387 -32.10 -35.26 -3.85
N SER B 388 -30.96 -34.72 -4.27
CA SER B 388 -30.86 -33.30 -4.67
C SER B 388 -31.58 -32.96 -5.99
N ASN B 389 -32.12 -33.96 -6.67
CA ASN B 389 -33.00 -33.76 -7.82
C ASN B 389 -34.44 -33.50 -7.33
N HIS B 390 -34.60 -32.49 -6.48
CA HIS B 390 -35.89 -32.12 -5.87
C HIS B 390 -35.79 -30.67 -5.43
N THR B 391 -36.91 -30.07 -5.06
CA THR B 391 -36.96 -28.64 -4.78
C THR B 391 -36.31 -28.22 -3.44
N VAL B 392 -36.10 -29.18 -2.54
CA VAL B 392 -35.45 -28.92 -1.28
C VAL B 392 -34.26 -29.86 -1.13
N GLY B 393 -33.10 -29.31 -0.79
CA GLY B 393 -31.92 -30.13 -0.59
C GLY B 393 -30.88 -29.44 0.25
N VAL B 394 -29.74 -30.11 0.44
CA VAL B 394 -28.74 -29.66 1.37
C VAL B 394 -27.31 -30.05 0.97
N LEU B 395 -26.35 -29.20 1.36
CA LEU B 395 -24.94 -29.54 1.34
C LEU B 395 -24.39 -29.25 2.73
N ALA B 396 -23.73 -30.23 3.32
CA ALA B 396 -23.18 -30.07 4.68
C ALA B 396 -21.71 -30.41 4.66
N SER B 397 -20.92 -29.57 5.32
CA SER B 397 -19.48 -29.77 5.41
C SER B 397 -18.97 -29.69 6.86
N ALA B 398 -17.79 -30.26 7.10
CA ALA B 398 -17.06 -30.07 8.34
C ALA B 398 -15.60 -29.69 8.07
N HIS B 399 -15.01 -29.02 9.05
CA HIS B 399 -13.63 -28.57 8.98
C HIS B 399 -12.85 -29.14 10.15
N ARG B 400 -11.70 -29.75 9.88
CA ARG B 400 -10.81 -30.24 10.92
C ARG B 400 -9.80 -29.13 11.25
N PRO B 401 -9.59 -28.85 12.56
CA PRO B 401 -8.74 -27.72 13.00
C PRO B 401 -7.31 -27.74 12.46
N GLN B 402 -6.82 -26.59 12.02
CA GLN B 402 -5.43 -26.44 11.52
C GLN B 402 -4.48 -26.05 12.68
N GLY B 403 -4.52 -24.77 13.09
CA GLY B 403 -3.68 -24.26 14.18
C GLY B 403 -4.49 -23.53 15.23
N PRO B 404 -3.83 -22.72 16.07
CA PRO B 404 -4.52 -21.97 17.15
C PRO B 404 -5.40 -20.79 16.68
N ALA B 405 -5.26 -20.36 15.42
CA ALA B 405 -6.20 -19.40 14.82
C ALA B 405 -7.44 -20.12 14.24
N ASP B 406 -7.55 -21.42 14.52
CA ASP B 406 -8.54 -22.28 13.88
C ASP B 406 -9.17 -23.25 14.89
N ALA B 407 -10.35 -23.77 14.54
CA ALA B 407 -11.03 -24.79 15.34
C ALA B 407 -12.05 -25.52 14.47
N TRP B 408 -12.77 -26.47 15.05
CA TRP B 408 -13.77 -27.25 14.30
C TRP B 408 -14.90 -26.35 13.80
N ARG B 409 -15.40 -26.64 12.59
CA ARG B 409 -16.57 -25.94 12.04
C ARG B 409 -17.49 -26.90 11.30
N ALA B 410 -18.78 -26.56 11.24
CA ALA B 410 -19.72 -27.18 10.32
C ALA B 410 -20.53 -26.10 9.59
N ALA B 411 -20.78 -26.31 8.30
CA ALA B 411 -21.63 -25.43 7.54
C ALA B 411 -22.71 -26.25 6.83
N VAL B 412 -23.98 -25.91 7.06
CA VAL B 412 -25.11 -26.61 6.47
C VAL B 412 -25.87 -25.61 5.60
N LEU B 413 -25.87 -25.85 4.28
CA LEU B 413 -26.51 -24.94 3.34
C LEU B 413 -27.72 -25.62 2.74
N ILE B 414 -28.91 -25.11 3.06
CA ILE B 414 -30.15 -25.68 2.61
C ILE B 414 -30.73 -24.77 1.54
N TYR B 415 -31.19 -25.35 0.44
CA TYR B 415 -31.86 -24.59 -0.62
C TYR B 415 -33.30 -25.04 -0.74
N ALA B 416 -34.14 -24.09 -1.13
CA ALA B 416 -35.46 -24.34 -1.63
C ALA B 416 -35.52 -23.66 -2.99
N SER B 417 -35.62 -24.46 -4.05
CA SER B 417 -35.58 -23.95 -5.43
C SER B 417 -36.39 -24.81 -6.38
N ASP B 418 -37.31 -24.18 -7.11
CA ASP B 418 -38.01 -24.83 -8.21
C ASP B 418 -37.43 -24.32 -9.53
N ASP B 419 -36.10 -24.35 -9.63
CA ASP B 419 -35.37 -23.87 -10.80
C ASP B 419 -35.71 -22.41 -11.14
N THR B 420 -36.23 -22.11 -12.33
CA THR B 420 -36.51 -20.73 -12.73
C THR B 420 -37.89 -20.22 -12.28
N ARG B 421 -38.69 -21.05 -11.60
CA ARG B 421 -40.00 -20.65 -11.09
C ARG B 421 -39.95 -20.25 -9.62
N ALA B 422 -40.54 -19.10 -9.33
CA ALA B 422 -40.71 -18.59 -7.96
C ALA B 422 -42.15 -18.78 -7.52
N HIS B 423 -42.35 -19.15 -6.25
CA HIS B 423 -43.69 -19.37 -5.71
C HIS B 423 -43.94 -18.51 -4.45
N PRO B 424 -44.32 -17.23 -4.63
CA PRO B 424 -44.49 -16.32 -3.50
C PRO B 424 -45.57 -16.75 -2.51
N ASN B 425 -46.54 -17.52 -3.00
CA ASN B 425 -47.55 -18.11 -2.11
C ASN B 425 -47.06 -19.29 -1.27
N ARG B 426 -45.88 -19.83 -1.58
CA ARG B 426 -45.43 -21.06 -0.95
C ARG B 426 -44.60 -20.84 0.31
N SER B 427 -45.01 -21.54 1.37
CA SER B 427 -44.24 -21.61 2.60
C SER B 427 -43.75 -23.05 2.75
N VAL B 428 -42.50 -23.22 3.17
CA VAL B 428 -41.89 -24.53 3.19
C VAL B 428 -41.40 -24.84 4.60
N ALA B 429 -41.98 -25.85 5.23
CA ALA B 429 -41.64 -26.20 6.60
C ALA B 429 -40.46 -27.16 6.63
N VAL B 430 -39.34 -26.72 7.18
CA VAL B 430 -38.17 -27.55 7.30
C VAL B 430 -37.93 -27.83 8.78
N THR B 431 -37.54 -29.06 9.08
CA THR B 431 -37.01 -29.40 10.39
C THR B 431 -35.57 -29.84 10.15
N LEU B 432 -34.63 -29.10 10.73
CA LEU B 432 -33.23 -29.49 10.64
C LEU B 432 -32.85 -30.17 11.94
N ARG B 433 -32.39 -31.41 11.86
CA ARG B 433 -31.89 -32.15 13.01
C ARG B 433 -30.41 -32.41 12.82
N LEU B 434 -29.60 -31.60 13.49
CA LEU B 434 -28.15 -31.73 13.47
C LEU B 434 -27.74 -32.52 14.71
N ARG B 435 -26.96 -33.58 14.51
CA ARG B 435 -26.39 -34.34 15.62
C ARG B 435 -24.93 -34.65 15.39
N GLY B 436 -24.27 -35.11 16.44
CA GLY B 436 -22.88 -35.57 16.37
C GLY B 436 -21.79 -34.52 16.37
N VAL B 437 -22.11 -33.30 16.79
CA VAL B 437 -21.10 -32.24 16.86
C VAL B 437 -20.08 -32.61 17.93
N PRO B 438 -18.80 -32.72 17.57
CA PRO B 438 -17.84 -33.17 18.57
C PRO B 438 -17.62 -32.12 19.66
N PRO B 439 -17.26 -32.56 20.88
CA PRO B 439 -16.94 -31.60 21.95
C PRO B 439 -15.91 -30.58 21.49
N GLY B 440 -16.08 -29.33 21.91
CA GLY B 440 -15.14 -28.26 21.62
C GLY B 440 -15.48 -27.03 22.44
N PRO B 441 -14.54 -26.09 22.56
CA PRO B 441 -14.78 -24.88 23.33
C PRO B 441 -15.70 -23.87 22.63
N GLY B 442 -16.55 -23.21 23.41
CA GLY B 442 -17.35 -22.09 22.94
C GLY B 442 -18.19 -22.36 21.71
N LEU B 443 -18.78 -23.55 21.63
CA LEU B 443 -19.62 -23.90 20.50
C LEU B 443 -20.82 -22.95 20.33
N VAL B 444 -20.93 -22.35 19.15
CA VAL B 444 -22.05 -21.46 18.82
C VAL B 444 -22.56 -21.73 17.41
N TYR B 445 -23.81 -21.34 17.15
CA TYR B 445 -24.34 -21.40 15.79
C TYR B 445 -24.87 -20.02 15.33
N VAL B 446 -24.76 -19.78 14.02
CA VAL B 446 -25.26 -18.57 13.35
C VAL B 446 -26.06 -18.98 12.09
N THR B 447 -27.19 -18.32 11.85
CA THR B 447 -27.98 -18.57 10.65
C THR B 447 -27.92 -17.37 9.70
N ARG B 448 -27.86 -17.64 8.41
CA ARG B 448 -28.00 -16.60 7.38
C ARG B 448 -29.06 -17.04 6.37
N TYR B 449 -30.05 -16.18 6.10
CA TYR B 449 -31.23 -16.52 5.31
C TYR B 449 -31.41 -15.51 4.18
N LEU B 450 -31.74 -16.01 2.98
CA LEU B 450 -31.96 -15.19 1.79
C LEU B 450 -33.29 -15.58 1.17
N ASP B 451 -34.18 -14.62 0.95
CA ASP B 451 -35.30 -14.83 0.03
C ASP B 451 -35.68 -13.54 -0.71
N ASN B 452 -36.67 -13.63 -1.61
CA ASN B 452 -37.05 -12.50 -2.44
C ASN B 452 -37.81 -11.42 -1.67
N GLY B 453 -38.40 -11.78 -0.53
CA GLY B 453 -39.09 -10.79 0.31
C GLY B 453 -38.11 -9.85 1.02
N LEU B 454 -37.05 -10.41 1.59
CA LEU B 454 -36.17 -9.64 2.45
C LEU B 454 -34.85 -9.23 1.78
N CYS B 455 -34.40 -10.00 0.79
CA CYS B 455 -33.06 -9.82 0.29
C CYS B 455 -33.01 -9.66 -1.24
N SER B 456 -33.88 -8.83 -1.80
CA SER B 456 -33.90 -8.57 -3.24
C SER B 456 -33.73 -7.10 -3.56
N PRO B 457 -32.50 -6.68 -3.91
CA PRO B 457 -32.32 -5.30 -4.36
C PRO B 457 -33.22 -4.94 -5.55
N ASP B 458 -33.49 -5.88 -6.44
CA ASP B 458 -34.45 -5.67 -7.54
C ASP B 458 -35.85 -5.36 -7.00
N GLY B 459 -36.28 -6.12 -5.99
CA GLY B 459 -37.54 -5.85 -5.30
C GLY B 459 -37.59 -4.42 -4.74
N GLU B 460 -36.51 -3.98 -4.12
CA GLU B 460 -36.46 -2.62 -3.55
C GLU B 460 -36.53 -1.60 -4.66
N TRP B 461 -35.88 -1.89 -5.77
CA TRP B 461 -35.85 -1.00 -6.92
C TRP B 461 -37.26 -0.84 -7.48
N ARG B 462 -37.97 -1.94 -7.64
CA ARG B 462 -39.35 -1.90 -8.15
C ARG B 462 -40.30 -1.18 -7.18
N ARG B 463 -40.08 -1.34 -5.88
CA ARG B 463 -40.85 -0.66 -4.83
C ARG B 463 -40.66 0.87 -4.83
N LEU B 464 -39.49 1.34 -5.26
CA LEU B 464 -39.23 2.76 -5.44
C LEU B 464 -39.68 3.30 -6.80
N GLY B 465 -40.27 2.46 -7.65
CA GLY B 465 -40.75 2.88 -8.98
C GLY B 465 -39.76 2.70 -10.11
N ARG B 466 -38.80 1.79 -9.95
CA ARG B 466 -37.80 1.51 -10.99
C ARG B 466 -37.10 2.76 -11.54
N PRO B 467 -36.61 3.65 -10.66
CA PRO B 467 -35.93 4.84 -11.18
C PRO B 467 -34.74 4.46 -12.05
N VAL B 468 -34.68 5.07 -13.24
CA VAL B 468 -33.59 4.80 -14.17
C VAL B 468 -32.28 5.40 -13.64
N PHE B 469 -32.36 6.56 -13.00
CA PHE B 469 -31.21 7.18 -12.33
C PHE B 469 -31.49 7.34 -10.85
N PRO B 470 -31.26 6.27 -10.06
CA PRO B 470 -31.58 6.37 -8.65
C PRO B 470 -30.73 7.42 -7.94
N THR B 471 -31.31 8.05 -6.91
CA THR B 471 -30.59 9.02 -6.09
C THR B 471 -29.72 8.29 -5.09
N ALA B 472 -28.88 9.01 -4.36
CA ALA B 472 -28.02 8.41 -3.33
C ALA B 472 -28.84 7.65 -2.30
N GLU B 473 -29.93 8.27 -1.86
CA GLU B 473 -30.82 7.65 -0.87
C GLU B 473 -31.47 6.38 -1.41
N GLN B 474 -31.86 6.41 -2.68
CA GLN B 474 -32.51 5.26 -3.30
C GLN B 474 -31.53 4.09 -3.40
N PHE B 475 -30.28 4.39 -3.77
CA PHE B 475 -29.19 3.40 -3.76
C PHE B 475 -28.97 2.77 -2.39
N ARG B 476 -29.01 3.60 -1.34
CA ARG B 476 -28.92 3.06 0.04
C ARG B 476 -30.03 2.06 0.34
N ARG B 477 -31.25 2.35 -0.09
CA ARG B 477 -32.38 1.47 0.21
C ARG B 477 -32.28 0.14 -0.54
N MET B 478 -31.78 0.19 -1.76
CA MET B 478 -31.55 -1.03 -2.54
C MET B 478 -30.44 -1.90 -1.96
N ARG B 479 -29.37 -1.26 -1.51
CA ARG B 479 -28.21 -1.98 -0.99
C ARG B 479 -28.51 -2.64 0.35
N ALA B 480 -29.47 -2.09 1.07
CA ALA B 480 -29.87 -2.65 2.35
C ALA B 480 -30.46 -4.05 2.21
N ALA B 481 -30.87 -4.42 1.00
CA ALA B 481 -31.38 -5.76 0.73
C ALA B 481 -30.34 -6.75 0.20
N GLU B 482 -29.06 -6.35 0.13
CA GLU B 482 -28.04 -7.21 -0.48
C GLU B 482 -27.68 -8.39 0.42
N ASP B 483 -27.53 -8.14 1.72
CA ASP B 483 -27.00 -9.16 2.63
C ASP B 483 -28.08 -10.12 3.10
N PRO B 484 -27.66 -11.34 3.49
CA PRO B 484 -28.63 -12.24 4.11
C PRO B 484 -29.11 -11.70 5.46
N VAL B 485 -30.27 -12.16 5.90
CA VAL B 485 -30.77 -11.88 7.24
C VAL B 485 -30.01 -12.79 8.19
N ALA B 486 -29.29 -12.19 9.13
CA ALA B 486 -28.39 -12.93 10.02
C ALA B 486 -28.89 -12.94 11.46
N ALA B 487 -28.92 -14.11 12.10
CA ALA B 487 -29.19 -14.21 13.53
C ALA B 487 -27.86 -14.27 14.31
N ALA B 488 -27.73 -13.43 15.34
CA ALA B 488 -26.51 -13.37 16.16
C ALA B 488 -26.14 -14.73 16.72
N PRO B 489 -24.84 -14.96 16.99
CA PRO B 489 -24.39 -16.24 17.52
C PRO B 489 -25.12 -16.65 18.79
N ARG B 490 -25.59 -17.89 18.82
CA ARG B 490 -26.22 -18.48 19.98
C ARG B 490 -25.43 -19.71 20.39
N PRO B 491 -25.34 -19.99 21.70
CA PRO B 491 -24.60 -21.17 22.14
C PRO B 491 -25.31 -22.45 21.70
N LEU B 492 -24.54 -23.45 21.30
CA LEU B 492 -25.10 -24.70 20.82
C LEU B 492 -25.65 -25.53 21.99
N PRO B 493 -26.86 -26.11 21.84
CA PRO B 493 -27.43 -26.91 22.94
C PRO B 493 -26.57 -28.13 23.28
N ALA B 494 -26.64 -28.56 24.53
CA ALA B 494 -25.79 -29.64 25.04
C ALA B 494 -26.03 -30.94 24.32
N GLY B 495 -25.00 -31.78 24.30
CA GLY B 495 -25.04 -33.06 23.61
C GLY B 495 -24.63 -33.00 22.15
N GLY B 496 -24.13 -31.85 21.69
CA GLY B 496 -23.70 -31.72 20.28
C GLY B 496 -24.85 -31.79 19.28
N ARG B 497 -26.01 -31.25 19.67
CA ARG B 497 -27.23 -31.36 18.88
C ARG B 497 -27.91 -30.01 18.70
N LEU B 498 -28.66 -29.89 17.62
CA LEU B 498 -29.45 -28.71 17.32
C LEU B 498 -30.64 -29.11 16.48
N THR B 499 -31.84 -28.69 16.89
CA THR B 499 -33.02 -28.79 16.06
C THR B 499 -33.52 -27.38 15.77
N LEU B 500 -33.63 -27.04 14.48
CA LEU B 500 -34.27 -25.80 14.08
C LEU B 500 -35.51 -26.15 13.27
N ARG B 501 -36.49 -25.25 13.29
CA ARG B 501 -37.70 -25.42 12.52
C ARG B 501 -38.02 -24.15 11.73
N PRO B 502 -37.17 -23.81 10.75
CA PRO B 502 -37.44 -22.60 9.98
C PRO B 502 -38.59 -22.74 8.97
N ALA B 503 -39.29 -21.64 8.77
CA ALA B 503 -40.23 -21.51 7.67
C ALA B 503 -39.46 -20.84 6.54
N LEU B 504 -39.38 -21.50 5.39
CA LEU B 504 -38.62 -21.01 4.24
C LEU B 504 -39.56 -20.63 3.11
N ARG B 505 -39.10 -19.74 2.23
CA ARG B 505 -39.86 -19.43 1.02
C ARG B 505 -39.26 -20.19 -0.19
N LEU B 506 -39.98 -20.12 -1.29
CA LEU B 506 -39.54 -20.68 -2.55
C LEU B 506 -39.47 -19.56 -3.56
N PRO B 507 -38.26 -19.08 -3.90
CA PRO B 507 -36.98 -19.65 -3.50
C PRO B 507 -36.43 -19.14 -2.16
N SER B 508 -35.49 -19.89 -1.59
CA SER B 508 -34.67 -19.39 -0.47
C SER B 508 -33.45 -20.23 -0.20
N LEU B 509 -32.51 -19.62 0.52
CA LEU B 509 -31.29 -20.28 0.95
C LEU B 509 -31.14 -20.05 2.45
N LEU B 510 -30.76 -21.10 3.19
CA LEU B 510 -30.45 -20.98 4.62
C LEU B 510 -29.10 -21.63 4.90
N LEU B 511 -28.18 -20.86 5.43
CA LEU B 511 -26.90 -21.41 5.87
C LEU B 511 -26.87 -21.43 7.40
N VAL B 512 -26.62 -22.61 7.95
CA VAL B 512 -26.44 -22.78 9.38
C VAL B 512 -24.97 -23.07 9.60
N HIS B 513 -24.32 -22.22 10.40
CA HIS B 513 -22.88 -22.25 10.61
C HIS B 513 -22.65 -22.58 12.09
N VAL B 514 -21.94 -23.67 12.36
CA VAL B 514 -21.64 -24.08 13.72
C VAL B 514 -20.12 -24.05 13.91
N CYS B 515 -19.67 -23.27 14.89
CA CYS B 515 -18.25 -23.06 15.10
C CYS B 515 -17.85 -23.30 16.57
N ALA B 516 -16.73 -23.99 16.73
CA ALA B 516 -15.98 -23.99 17.98
C ALA B 516 -15.04 -22.78 18.00
N ARG B 517 -14.67 -22.35 19.21
CA ARG B 517 -13.94 -21.11 19.41
C ARG B 517 -12.42 -21.31 19.29
N PRO B 518 -11.80 -20.70 18.27
CA PRO B 518 -10.35 -20.81 18.16
C PRO B 518 -9.64 -20.16 19.34
N GLU B 519 -8.44 -20.64 19.64
CA GLU B 519 -7.66 -20.13 20.78
C GLU B 519 -7.36 -18.65 20.58
N LYS B 520 -6.89 -18.29 19.39
CA LYS B 520 -6.49 -16.92 19.08
C LYS B 520 -7.56 -16.15 18.30
N PRO B 521 -7.54 -14.80 18.37
CA PRO B 521 -8.51 -14.02 17.61
C PRO B 521 -8.18 -13.95 16.12
N PRO B 522 -9.09 -13.37 15.31
CA PRO B 522 -8.85 -13.26 13.88
C PRO B 522 -7.56 -12.52 13.53
N GLY B 523 -7.03 -12.83 12.34
CA GLY B 523 -5.89 -12.14 11.78
C GLY B 523 -6.28 -10.82 11.13
N GLN B 524 -5.34 -10.23 10.41
CA GLN B 524 -5.46 -8.87 9.91
C GLN B 524 -6.11 -8.79 8.53
N VAL B 525 -7.05 -7.86 8.38
CA VAL B 525 -7.56 -7.46 7.05
C VAL B 525 -6.41 -6.81 6.29
N THR B 526 -6.28 -7.12 5.00
CA THR B 526 -5.21 -6.55 4.19
C THR B 526 -5.73 -5.99 2.88
N ARG B 527 -4.87 -5.22 2.22
CA ARG B 527 -5.10 -4.66 0.90
C ARG B 527 -6.39 -3.87 0.81
N LEU B 528 -6.65 -3.08 1.85
CA LEU B 528 -7.77 -2.16 1.84
C LEU B 528 -7.54 -1.19 0.71
N ARG B 529 -8.59 -0.90 -0.05
CA ARG B 529 -8.54 0.22 -0.97
C ARG B 529 -9.89 0.86 -1.11
N ALA B 530 -9.86 2.10 -1.57
CA ALA B 530 -11.06 2.88 -1.75
C ALA B 530 -11.14 3.25 -3.22
N LEU B 531 -12.28 2.93 -3.82
CA LEU B 531 -12.57 3.30 -5.20
C LEU B 531 -13.66 4.39 -5.20
N PRO B 532 -13.35 5.59 -5.73
CA PRO B 532 -14.37 6.63 -5.84
C PRO B 532 -15.55 6.22 -6.74
N LEU B 533 -16.76 6.51 -6.29
CA LEU B 533 -17.97 6.32 -7.11
C LEU B 533 -18.41 7.64 -7.71
N THR B 534 -18.57 8.64 -6.84
CA THR B 534 -18.99 9.98 -7.26
C THR B 534 -18.87 10.86 -6.03
N GLN B 535 -19.16 12.14 -6.17
CA GLN B 535 -19.16 13.04 -5.02
C GLN B 535 -19.96 12.41 -3.88
N GLY B 536 -19.32 12.28 -2.73
CA GLY B 536 -19.96 11.79 -1.51
C GLY B 536 -20.05 10.29 -1.39
N GLN B 537 -19.51 9.53 -2.36
CA GLN B 537 -19.66 8.07 -2.34
C GLN B 537 -18.40 7.35 -2.80
N LEU B 538 -18.06 6.29 -2.08
CA LEU B 538 -16.92 5.47 -2.43
C LEU B 538 -17.14 4.01 -2.08
N VAL B 539 -16.40 3.14 -2.76
CA VAL B 539 -16.36 1.73 -2.43
C VAL B 539 -15.12 1.46 -1.58
N LEU B 540 -15.31 0.78 -0.46
CA LEU B 540 -14.20 0.17 0.28
C LEU B 540 -14.16 -1.32 -0.01
N VAL B 541 -12.98 -1.83 -0.35
CA VAL B 541 -12.80 -3.24 -0.67
C VAL B 541 -11.48 -3.74 -0.05
N TRP B 542 -11.43 -5.01 0.36
CA TRP B 542 -10.28 -5.53 1.09
C TRP B 542 -10.12 -7.04 0.90
N SER B 543 -9.00 -7.58 1.38
CA SER B 543 -8.73 -9.04 1.33
C SER B 543 -8.88 -9.65 2.72
N ASP B 544 -9.38 -10.89 2.77
CA ASP B 544 -9.48 -11.68 4.00
C ASP B 544 -8.43 -12.80 4.02
N GLU B 545 -7.40 -12.70 3.17
CA GLU B 545 -6.40 -13.77 3.01
C GLU B 545 -5.66 -14.12 4.32
N HIS B 546 -5.46 -13.15 5.21
CA HIS B 546 -4.78 -13.41 6.49
C HIS B 546 -5.72 -13.42 7.71
N VAL B 547 -7.04 -13.45 7.50
CA VAL B 547 -7.98 -13.39 8.63
C VAL B 547 -7.99 -14.70 9.41
N GLY B 548 -7.69 -15.80 8.74
CA GLY B 548 -7.56 -17.09 9.40
C GLY B 548 -8.88 -17.82 9.30
N SER B 549 -9.78 -17.54 10.23
CA SER B 549 -11.01 -18.32 10.37
C SER B 549 -12.21 -17.78 9.59
N LYS B 550 -13.13 -18.68 9.28
CA LYS B 550 -14.39 -18.35 8.62
C LYS B 550 -15.51 -17.95 9.60
N CYS B 551 -15.23 -18.00 10.91
CA CYS B 551 -16.30 -17.74 11.89
C CYS B 551 -16.38 -16.23 12.17
N LEU B 552 -16.79 -15.49 11.15
CA LEU B 552 -16.82 -14.03 11.18
C LEU B 552 -18.23 -13.47 11.13
N TRP B 553 -18.52 -12.55 12.03
CA TRP B 553 -19.81 -11.89 12.14
C TRP B 553 -19.90 -10.70 11.17
N THR B 554 -18.87 -9.87 11.17
CA THR B 554 -18.86 -8.68 10.33
C THR B 554 -17.44 -8.15 10.22
N TYR B 555 -17.27 -7.16 9.36
CA TYR B 555 -16.07 -6.34 9.32
C TYR B 555 -16.42 -4.95 9.84
N GLU B 556 -15.82 -4.57 10.94
CA GLU B 556 -16.02 -3.25 11.53
C GLU B 556 -15.19 -2.25 10.75
N ILE B 557 -15.85 -1.25 10.19
CA ILE B 557 -15.19 -0.21 9.43
C ILE B 557 -15.13 1.04 10.32
N GLN B 558 -13.99 1.73 10.27
CA GLN B 558 -13.80 3.00 11.00
C GLN B 558 -13.32 4.13 10.08
N PHE B 559 -13.81 5.34 10.36
CA PHE B 559 -13.55 6.52 9.55
C PHE B 559 -13.02 7.64 10.44
N SER B 560 -11.89 8.23 10.04
CA SER B 560 -11.32 9.40 10.72
C SER B 560 -11.35 10.60 9.78
N GLN B 561 -12.08 11.65 10.18
CA GLN B 561 -12.11 12.93 9.47
C GLN B 561 -11.22 13.95 10.16
N ASP B 562 -10.66 14.86 9.38
CA ASP B 562 -9.98 16.06 9.90
C ASP B 562 -9.01 15.75 11.05
N GLY B 563 -8.39 14.57 11.03
CA GLY B 563 -7.49 14.13 12.10
C GLY B 563 -8.16 13.80 13.43
N LYS B 564 -9.49 13.78 13.46
CA LYS B 564 -10.24 13.44 14.67
C LYS B 564 -10.13 11.95 14.91
N ALA B 565 -10.58 11.49 16.07
CA ALA B 565 -10.48 10.08 16.40
C ALA B 565 -11.38 9.23 15.47
N TYR B 566 -10.91 8.03 15.15
CA TYR B 566 -11.67 7.06 14.37
C TYR B 566 -12.99 6.71 15.07
N THR B 567 -14.08 6.73 14.31
CA THR B 567 -15.38 6.32 14.81
C THR B 567 -15.95 5.22 13.91
N PRO B 568 -16.66 4.25 14.51
CA PRO B 568 -17.25 3.19 13.70
C PRO B 568 -18.28 3.72 12.69
N VAL B 569 -18.31 3.13 11.51
CA VAL B 569 -19.39 3.34 10.57
C VAL B 569 -20.40 2.23 10.87
N SER B 570 -21.44 2.57 11.63
CA SER B 570 -22.43 1.61 12.06
C SER B 570 -23.20 1.09 10.86
N ARG B 571 -23.39 -0.23 10.83
CA ARG B 571 -24.07 -0.87 9.73
C ARG B 571 -24.49 -2.27 10.14
N LYS B 572 -25.47 -2.83 9.44
CA LYS B 572 -25.90 -4.20 9.69
C LYS B 572 -24.77 -5.17 9.33
N PRO B 573 -24.70 -6.33 10.00
CA PRO B 573 -23.58 -7.25 9.79
C PRO B 573 -23.44 -7.71 8.33
N SER B 574 -22.20 -7.90 7.90
CA SER B 574 -21.89 -8.37 6.53
C SER B 574 -20.49 -8.96 6.50
N THR B 575 -20.34 -10.13 5.91
CA THR B 575 -19.05 -10.74 5.70
C THR B 575 -18.53 -10.56 4.28
N PHE B 576 -19.33 -9.93 3.41
CA PHE B 576 -18.87 -9.65 2.06
C PHE B 576 -17.75 -8.60 2.13
N ASN B 577 -16.69 -8.79 1.37
CA ASN B 577 -15.46 -7.98 1.54
C ASN B 577 -15.49 -6.65 0.77
N LEU B 578 -16.64 -6.00 0.79
CA LEU B 578 -16.82 -4.74 0.05
C LEU B 578 -17.99 -3.99 0.68
N PHE B 579 -17.85 -2.68 0.80
CA PHE B 579 -18.90 -1.82 1.41
C PHE B 579 -18.90 -0.46 0.72
N VAL B 580 -20.09 0.02 0.37
CA VAL B 580 -20.23 1.32 -0.26
C VAL B 580 -20.48 2.34 0.85
N PHE B 581 -19.63 3.34 0.96
CA PHE B 581 -19.82 4.41 1.95
C PHE B 581 -20.51 5.59 1.29
N SER B 582 -21.69 5.93 1.79
CA SER B 582 -22.50 7.01 1.24
C SER B 582 -23.19 7.76 2.38
N PRO B 583 -22.41 8.49 3.19
CA PRO B 583 -23.00 9.19 4.35
C PRO B 583 -23.95 10.31 3.93
N ASP B 584 -24.89 10.66 4.81
CA ASP B 584 -25.89 11.71 4.52
C ASP B 584 -25.24 13.01 4.09
N THR B 585 -24.13 13.32 4.76
CA THR B 585 -23.48 14.61 4.62
C THR B 585 -22.61 14.71 3.39
N GLY B 586 -22.33 13.60 2.74
CA GLY B 586 -21.38 13.58 1.63
C GLY B 586 -19.95 13.88 2.09
N ALA B 587 -19.67 13.69 3.38
CA ALA B 587 -18.36 13.98 3.96
C ALA B 587 -17.55 12.69 4.05
N VAL B 588 -16.68 12.48 3.07
CA VAL B 588 -15.96 11.22 2.91
C VAL B 588 -14.44 11.38 2.96
N SER B 589 -13.96 12.62 3.04
CA SER B 589 -12.51 12.87 3.15
C SER B 589 -11.97 12.55 4.54
N GLY B 590 -10.89 11.78 4.57
CA GLY B 590 -10.32 11.29 5.82
C GLY B 590 -9.64 9.97 5.56
N SER B 591 -9.60 9.12 6.57
CA SER B 591 -8.95 7.81 6.42
C SER B 591 -9.83 6.70 6.95
N TYR B 592 -9.69 5.52 6.34
CA TYR B 592 -10.52 4.37 6.66
C TYR B 592 -9.66 3.19 7.07
N ARG B 593 -10.19 2.37 7.97
CA ARG B 593 -9.56 1.12 8.33
C ARG B 593 -10.60 0.08 8.67
N VAL B 594 -10.24 -1.17 8.44
CA VAL B 594 -11.16 -2.29 8.61
C VAL B 594 -10.53 -3.45 9.37
N ARG B 595 -11.34 -4.09 10.22
CA ARG B 595 -10.93 -5.29 10.92
C ARG B 595 -12.06 -6.31 11.01
N ALA B 596 -11.69 -7.57 11.14
CA ALA B 596 -12.64 -8.66 11.30
C ALA B 596 -13.16 -8.72 12.72
N LEU B 597 -14.42 -9.08 12.89
CA LEU B 597 -14.98 -9.34 14.21
C LEU B 597 -15.58 -10.75 14.20
N ASP B 598 -15.13 -11.63 15.11
CA ASP B 598 -15.59 -13.03 15.13
C ASP B 598 -16.89 -13.26 15.93
N TYR B 599 -17.34 -14.50 15.95
CA TYR B 599 -18.59 -14.88 16.62
C TYR B 599 -18.58 -14.71 18.15
N TRP B 600 -17.39 -14.48 18.73
CA TRP B 600 -17.22 -14.29 20.17
C TRP B 600 -16.79 -12.85 20.48
N ALA B 601 -17.12 -11.94 19.57
CA ALA B 601 -16.92 -10.50 19.74
C ALA B 601 -15.45 -10.08 19.83
N ARG B 602 -14.54 -10.94 19.38
CA ARG B 602 -13.12 -10.62 19.36
C ARG B 602 -12.71 -9.99 18.02
N PRO B 603 -12.09 -8.79 18.05
CA PRO B 603 -11.57 -8.16 16.85
C PRO B 603 -10.19 -8.68 16.46
N GLY B 604 -9.92 -8.72 15.15
CA GLY B 604 -8.57 -8.91 14.64
C GLY B 604 -7.89 -7.56 14.55
N PRO B 605 -6.58 -7.52 14.23
CA PRO B 605 -5.91 -6.24 14.03
C PRO B 605 -6.46 -5.46 12.83
N PHE B 606 -6.49 -4.13 12.94
CA PHE B 606 -6.93 -3.28 11.84
C PHE B 606 -5.99 -3.37 10.66
N SER B 607 -6.57 -3.27 9.48
CA SER B 607 -5.79 -3.15 8.26
C SER B 607 -4.98 -1.87 8.32
N ASP B 608 -3.96 -1.76 7.49
CA ASP B 608 -3.32 -0.46 7.29
C ASP B 608 -4.41 0.44 6.73
N PRO B 609 -4.46 1.70 7.19
CA PRO B 609 -5.51 2.60 6.72
C PRO B 609 -5.31 3.11 5.31
N VAL B 610 -6.40 3.57 4.72
CA VAL B 610 -6.36 4.18 3.40
C VAL B 610 -6.91 5.60 3.47
N PRO B 611 -6.12 6.58 2.97
CA PRO B 611 -6.55 7.97 2.95
C PRO B 611 -7.34 8.25 1.70
N TYR B 612 -8.35 9.10 1.84
CA TYR B 612 -9.27 9.40 0.78
C TYR B 612 -9.47 10.90 0.77
N LEU B 613 -9.39 11.45 -0.44
CA LEU B 613 -9.45 12.88 -0.64
C LEU B 613 -10.44 13.20 -1.74
N GLU B 614 -11.48 13.94 -1.37
CA GLU B 614 -12.32 14.61 -2.32
C GLU B 614 -11.87 16.06 -2.27
N VAL B 615 -11.61 16.64 -3.44
CA VAL B 615 -10.98 17.95 -3.54
C VAL B 615 -11.86 18.92 -4.34
N PRO B 616 -12.48 19.90 -3.65
CA PRO B 616 -13.26 20.89 -4.41
C PRO B 616 -12.36 21.67 -5.38
N VAL B 617 -12.87 21.88 -6.59
CA VAL B 617 -12.23 22.72 -7.60
C VAL B 617 -13.32 23.61 -8.23
N PRO B 618 -12.97 24.84 -8.63
CA PRO B 618 -13.92 25.80 -9.22
C PRO B 618 -14.98 25.19 -10.13
#